data_8PEQ
#
_entry.id   8PEQ
#
_cell.length_a   168.650
_cell.length_b   105.856
_cell.length_c   78.993
_cell.angle_alpha   90.00
_cell.angle_beta   93.53
_cell.angle_gamma   90.00
#
_symmetry.space_group_name_H-M   'C 1 2 1'
#
loop_
_entity.id
_entity.type
_entity.pdbx_description
1 polymer Fibronectin
2 polymer 'Affilin variant Af2'
3 non-polymer 'SULFATE ION'
4 water water
#
loop_
_entity_poly.entity_id
_entity_poly.type
_entity_poly.pdbx_seq_one_letter_code
_entity_poly.pdbx_strand_id
1 'polypeptide(L)'
;MLSPPTNLHLEANPDTGVLTVSWERSTTPDITGYRITTTPTNGQQGNSLEEVVHADQSSSTFDNLSPGLEYNVSVYTVKD
DKESVPISDTIIPEVPQLTDLSFVDITDSSIGLRWTPLNSSTIIGYRITVVAAGEGIPIFEDFVDSSVGYYTVTGLEPGI
DYDISVITLINGGESAPTTLTQQTAVPPPTDLRFTNIGPDTMRVTWAPPPSIDLTNFLVRYSPVKNEEDVAELSISPSDN
AVVLTNLLPGTEYVVSVSSVYEQHESTPLRGRQKT
;
A,B,C
2 'polypeptide(L)'
;MQIFVHTDTGKTITLEVEPSDTIENVKAKIQDKEGIPQDQQRLIWAGKQLEDGRTLSDYNIDPQLKLHLVLRLRAAGGMQ
IFVTTQTGKTITLEVEPSDTIENVKAKIQDKEGIPPDQQRLIWAGKQLEDGRTLSDYNIDYRFLHLVLRLRAA
;
J,L,M
#
# COMPACT_ATOMS: atom_id res chain seq x y z
N LEU A 2 -48.47 -10.72 48.93
CA LEU A 2 -47.26 -10.82 48.11
C LEU A 2 -46.84 -9.47 47.53
N SER A 3 -45.75 -8.91 48.05
CA SER A 3 -45.39 -7.57 47.59
C SER A 3 -44.51 -7.63 46.36
N PRO A 4 -44.69 -6.66 45.47
CA PRO A 4 -43.82 -6.54 44.30
C PRO A 4 -42.40 -6.16 44.73
N PRO A 5 -41.42 -6.26 43.83
CA PRO A 5 -40.11 -5.67 44.13
C PRO A 5 -40.23 -4.16 44.11
N THR A 6 -39.22 -3.50 44.65
CA THR A 6 -39.13 -2.05 44.60
C THR A 6 -37.86 -1.67 43.84
N ASN A 7 -37.75 -0.38 43.51
CA ASN A 7 -36.50 0.22 43.03
C ASN A 7 -36.02 -0.47 41.75
N LEU A 8 -36.92 -0.53 40.76
CA LEU A 8 -36.56 -1.14 39.48
C LEU A 8 -35.61 -0.25 38.71
N HIS A 9 -34.49 -0.81 38.26
CA HIS A 9 -33.58 -0.05 37.42
C HIS A 9 -33.37 -0.79 36.11
N LEU A 10 -33.39 -0.03 35.01
CA LEU A 10 -33.19 -0.52 33.66
C LEU A 10 -31.91 0.10 33.12
N GLU A 11 -30.95 -0.71 32.70
CA GLU A 11 -29.72 -0.16 32.16
C GLU A 11 -29.50 -0.79 30.80
N ALA A 12 -29.73 -0.01 29.75
CA ALA A 12 -29.47 -0.45 28.38
C ALA A 12 -28.13 0.14 27.97
N ASN A 13 -27.09 -0.66 28.05
CA ASN A 13 -25.75 -0.23 27.70
C ASN A 13 -25.63 -0.14 26.19
N PRO A 14 -25.44 1.06 25.62
CA PRO A 14 -25.32 1.15 24.16
C PRO A 14 -24.02 0.54 23.62
N ASP A 15 -22.96 0.48 24.42
CA ASP A 15 -21.69 -0.04 23.90
C ASP A 15 -21.73 -1.55 23.74
N THR A 16 -22.46 -2.25 24.60
CA THR A 16 -22.56 -3.71 24.53
C THR A 16 -23.89 -4.20 23.97
N GLY A 17 -24.91 -3.36 23.92
CA GLY A 17 -26.22 -3.78 23.46
C GLY A 17 -27.01 -4.60 24.44
N VAL A 18 -26.56 -4.69 25.69
CA VAL A 18 -27.18 -5.53 26.70
C VAL A 18 -28.05 -4.66 27.61
N LEU A 19 -29.26 -5.13 27.87
CA LEU A 19 -30.12 -4.53 28.89
C LEU A 19 -29.94 -5.29 30.20
N THR A 20 -29.58 -4.56 31.26
CA THR A 20 -29.52 -5.12 32.59
C THR A 20 -30.71 -4.61 33.42
N VAL A 21 -31.51 -5.55 33.92
CA VAL A 21 -32.69 -5.28 34.74
C VAL A 21 -32.32 -5.63 36.18
N SER A 22 -32.56 -4.71 37.11
CA SER A 22 -32.26 -4.95 38.51
C SER A 22 -33.33 -4.30 39.39
N TRP A 23 -33.44 -4.82 40.60
CA TRP A 23 -34.52 -4.43 41.49
C TRP A 23 -34.10 -4.69 42.93
N GLU A 24 -34.92 -4.19 43.86
CA GLU A 24 -34.74 -4.44 45.28
C GLU A 24 -35.70 -5.53 45.71
N ARG A 25 -35.20 -6.50 46.45
CA ARG A 25 -35.92 -7.74 46.70
C ARG A 25 -37.22 -7.46 47.45
N SER A 26 -38.22 -8.30 47.19
CA SER A 26 -39.50 -8.13 47.85
C SER A 26 -39.37 -8.37 49.34
N THR A 27 -40.07 -7.55 50.12
CA THR A 27 -40.13 -7.73 51.57
C THR A 27 -40.93 -8.96 51.99
N THR A 28 -41.62 -9.63 51.05
CA THR A 28 -42.50 -10.75 51.42
C THR A 28 -41.67 -11.96 51.83
N PRO A 29 -41.98 -12.62 52.94
CA PRO A 29 -41.19 -13.80 53.34
C PRO A 29 -41.49 -15.00 52.47
N ASP A 30 -40.43 -15.78 52.20
CA ASP A 30 -40.51 -17.08 51.54
C ASP A 30 -40.95 -16.99 50.07
N ILE A 31 -40.43 -16.00 49.34
CA ILE A 31 -40.63 -15.99 47.90
C ILE A 31 -39.80 -17.11 47.24
N THR A 32 -40.27 -17.57 46.09
CA THR A 32 -39.60 -18.61 45.32
C THR A 32 -38.98 -18.12 44.02
N GLY A 33 -39.00 -16.82 43.75
CA GLY A 33 -38.28 -16.28 42.61
C GLY A 33 -38.88 -14.99 42.08
N TYR A 34 -38.42 -14.62 40.90
CA TYR A 34 -38.90 -13.46 40.16
C TYR A 34 -39.02 -13.83 38.69
N ARG A 35 -40.06 -13.31 38.05
CA ARG A 35 -40.27 -13.47 36.62
C ARG A 35 -40.15 -12.10 35.98
N ILE A 36 -39.36 -12.02 34.90
CA ILE A 36 -39.04 -10.76 34.24
C ILE A 36 -39.43 -10.92 32.78
N THR A 37 -40.24 -10.00 32.28
CA THR A 37 -40.60 -9.94 30.88
C THR A 37 -40.11 -8.63 30.29
N THR A 38 -39.69 -8.71 29.03
CA THR A 38 -39.30 -7.56 28.25
C THR A 38 -40.07 -7.66 26.93
N THR A 39 -40.85 -6.63 26.62
CA THR A 39 -41.76 -6.65 25.48
C THR A 39 -41.75 -5.30 24.79
N PRO A 40 -41.59 -5.26 23.47
CA PRO A 40 -41.76 -3.99 22.75
C PRO A 40 -43.20 -3.50 22.89
N THR A 41 -43.34 -2.19 23.09
CA THR A 41 -44.68 -1.63 23.27
C THR A 41 -45.28 -1.18 21.95
N ASN A 42 -45.04 -1.93 20.87
CA ASN A 42 -45.59 -1.61 19.57
C ASN A 42 -46.79 -2.47 19.22
N GLY A 43 -47.25 -3.31 20.14
CA GLY A 43 -48.38 -4.14 19.85
C GLY A 43 -48.08 -5.27 18.90
N GLN A 44 -46.80 -5.59 18.69
CA GLN A 44 -46.45 -6.72 17.86
C GLN A 44 -46.44 -7.97 18.75
N GLN A 45 -47.22 -8.97 18.33
CA GLN A 45 -47.35 -10.22 19.06
C GLN A 45 -46.16 -11.13 18.81
N GLY A 46 -45.90 -12.02 19.77
CA GLY A 46 -44.86 -13.03 19.61
C GLY A 46 -43.43 -12.56 19.78
N ASN A 47 -43.21 -11.34 20.28
CA ASN A 47 -41.88 -10.77 20.45
C ASN A 47 -41.49 -10.56 21.90
N SER A 48 -42.25 -11.15 22.83
CA SER A 48 -41.99 -10.93 24.25
C SER A 48 -40.91 -11.89 24.73
N LEU A 49 -40.06 -11.40 25.63
CA LEU A 49 -38.94 -12.16 26.18
C LEU A 49 -39.16 -12.32 27.68
N GLU A 50 -38.82 -13.49 28.21
CA GLU A 50 -39.03 -13.76 29.62
C GLU A 50 -37.81 -14.42 30.24
N GLU A 51 -37.48 -14.02 31.47
CA GLU A 51 -36.48 -14.72 32.28
C GLU A 51 -37.13 -15.03 33.64
N VAL A 52 -36.68 -16.11 34.26
CA VAL A 52 -37.06 -16.49 35.61
C VAL A 52 -35.77 -16.64 36.41
N VAL A 53 -35.72 -16.06 37.61
CA VAL A 53 -34.53 -16.12 38.43
C VAL A 53 -34.93 -16.57 39.82
N HIS A 54 -33.94 -17.07 40.57
CA HIS A 54 -34.16 -17.55 41.92
C HIS A 54 -34.39 -16.39 42.88
N ALA A 55 -34.89 -16.75 44.07
CA ALA A 55 -35.32 -15.76 45.06
C ALA A 55 -34.18 -14.90 45.56
N ASP A 56 -32.94 -15.40 45.53
CA ASP A 56 -31.80 -14.61 45.97
C ASP A 56 -31.15 -13.84 44.84
N GLN A 57 -31.76 -13.84 43.65
CA GLN A 57 -31.25 -13.11 42.51
C GLN A 57 -32.00 -11.80 42.37
N SER A 58 -31.30 -10.73 42.00
CA SER A 58 -31.95 -9.43 41.86
C SER A 58 -31.54 -8.74 40.58
N SER A 59 -31.18 -9.51 39.55
CA SER A 59 -30.87 -8.96 38.25
C SER A 59 -31.02 -10.04 37.18
N SER A 60 -31.09 -9.57 35.95
CA SER A 60 -31.29 -10.39 34.76
C SER A 60 -30.86 -9.54 33.58
N THR A 61 -30.63 -10.18 32.43
CA THR A 61 -30.23 -9.45 31.24
C THR A 61 -31.05 -9.88 30.04
N PHE A 62 -31.05 -9.02 29.04
CA PHE A 62 -31.73 -9.30 27.79
C PHE A 62 -30.83 -8.82 26.68
N ASP A 63 -30.56 -9.70 25.72
CA ASP A 63 -29.62 -9.39 24.64
C ASP A 63 -30.39 -8.97 23.41
N ASN A 64 -29.69 -8.25 22.53
CA ASN A 64 -30.15 -8.03 21.16
C ASN A 64 -31.46 -7.25 21.08
N LEU A 65 -31.72 -6.34 22.02
CA LEU A 65 -32.86 -5.44 21.86
C LEU A 65 -32.55 -4.45 20.73
N SER A 66 -33.62 -3.92 20.07
CA SER A 66 -33.50 -3.01 18.94
C SER A 66 -33.40 -1.55 19.42
N PRO A 67 -32.38 -0.80 19.01
CA PRO A 67 -32.35 0.64 19.31
C PRO A 67 -33.53 1.38 18.69
N GLY A 68 -33.99 2.39 19.41
CA GLY A 68 -35.10 3.23 18.98
C GLY A 68 -36.49 2.63 19.17
N LEU A 69 -36.60 1.43 19.72
CA LEU A 69 -37.87 0.78 19.93
C LEU A 69 -38.13 0.74 21.43
N GLU A 70 -39.33 1.13 21.83
CA GLU A 70 -39.68 1.13 23.24
C GLU A 70 -40.01 -0.27 23.73
N TYR A 71 -39.47 -0.65 24.88
CA TYR A 71 -39.80 -1.92 25.51
C TYR A 71 -40.40 -1.64 26.88
N ASN A 72 -41.32 -2.50 27.31
CA ASN A 72 -41.80 -2.48 28.68
C ASN A 72 -41.21 -3.68 29.43
N VAL A 73 -40.61 -3.41 30.60
CA VAL A 73 -40.00 -4.44 31.42
C VAL A 73 -40.82 -4.57 32.72
N SER A 74 -41.26 -5.79 33.04
CA SER A 74 -42.09 -6.02 34.22
C SER A 74 -41.46 -7.11 35.08
N VAL A 75 -41.41 -6.88 36.39
CA VAL A 75 -40.81 -7.85 37.30
C VAL A 75 -41.86 -8.32 38.29
N TYR A 76 -42.13 -9.63 38.28
CA TYR A 76 -43.13 -10.22 39.17
C TYR A 76 -42.42 -10.95 40.29
N THR A 77 -42.84 -10.71 41.52
CA THR A 77 -42.43 -11.56 42.64
C THR A 77 -43.21 -12.87 42.56
N VAL A 78 -42.50 -13.99 42.59
CA VAL A 78 -43.11 -15.31 42.44
C VAL A 78 -43.07 -16.00 43.80
N LYS A 79 -44.20 -16.57 44.20
CA LYS A 79 -44.24 -17.40 45.41
C LYS A 79 -45.08 -18.63 45.05
N ASP A 80 -44.41 -19.67 44.56
CA ASP A 80 -45.05 -20.94 44.21
C ASP A 80 -46.10 -20.77 43.13
N ASP A 81 -47.37 -20.98 43.50
CA ASP A 81 -48.45 -20.86 42.55
C ASP A 81 -48.73 -19.40 42.18
N LYS A 82 -48.39 -18.47 43.08
CA LYS A 82 -48.85 -17.09 42.97
C LYS A 82 -47.75 -16.16 42.46
N GLU A 83 -48.20 -15.04 41.88
CA GLU A 83 -47.33 -13.94 41.49
C GLU A 83 -47.87 -12.63 42.06
N SER A 84 -46.95 -11.69 42.27
CA SER A 84 -47.33 -10.38 42.73
C SER A 84 -47.91 -9.54 41.59
N VAL A 85 -48.44 -8.38 41.95
CA VAL A 85 -48.57 -7.31 40.95
C VAL A 85 -47.17 -6.92 40.50
N PRO A 86 -46.91 -6.69 39.22
CA PRO A 86 -45.54 -6.39 38.81
C PRO A 86 -45.17 -4.96 39.10
N ILE A 87 -43.86 -4.71 39.16
CA ILE A 87 -43.30 -3.38 39.00
C ILE A 87 -42.84 -3.26 37.56
N SER A 88 -42.99 -2.07 36.98
CA SER A 88 -42.71 -1.98 35.55
C SER A 88 -42.11 -0.63 35.21
N ASP A 89 -41.51 -0.55 34.02
CA ASP A 89 -40.96 0.69 33.48
C ASP A 89 -40.59 0.44 32.02
N THR A 90 -40.44 1.53 31.27
CA THR A 90 -40.09 1.46 29.85
C THR A 90 -38.66 1.96 29.59
N ILE A 91 -38.12 1.53 28.45
CA ILE A 91 -36.77 1.93 28.09
C ILE A 91 -36.63 1.81 26.59
N ILE A 92 -35.88 2.74 26.01
CA ILE A 92 -35.59 2.78 24.58
C ILE A 92 -34.09 2.68 24.38
N PRO A 93 -33.58 1.52 23.98
CA PRO A 93 -32.12 1.39 23.76
C PRO A 93 -31.63 2.38 22.71
N GLU A 94 -30.33 2.70 22.80
CA GLU A 94 -29.71 3.63 21.86
C GLU A 94 -28.54 3.02 21.09
N VAL A 95 -28.15 3.72 20.03
CA VAL A 95 -27.00 3.34 19.23
C VAL A 95 -25.85 4.09 19.87
N PRO A 96 -24.71 3.46 20.12
CA PRO A 96 -23.60 4.19 20.75
C PRO A 96 -23.10 5.30 19.85
N GLN A 97 -22.71 6.41 20.48
CA GLN A 97 -22.21 7.56 19.75
C GLN A 97 -20.74 7.70 20.10
N LEU A 98 -19.97 8.27 19.17
CA LEU A 98 -18.54 8.46 19.41
C LEU A 98 -18.32 9.34 20.63
N THR A 99 -17.30 9.01 21.40
CA THR A 99 -16.99 9.71 22.64
C THR A 99 -15.70 10.53 22.59
N ASP A 100 -14.80 10.22 21.67
CA ASP A 100 -13.53 10.95 21.62
C ASP A 100 -13.31 11.62 20.27
N LEU A 101 -14.39 12.14 19.66
CA LEU A 101 -14.27 12.85 18.41
C LEU A 101 -13.52 14.16 18.65
N SER A 102 -12.46 14.39 17.87
CA SER A 102 -11.64 15.58 18.03
C SER A 102 -11.16 16.08 16.68
N PHE A 103 -10.74 17.35 16.66
CA PHE A 103 -10.11 17.95 15.48
C PHE A 103 -8.61 17.71 15.55
N VAL A 104 -8.01 17.34 14.42
CA VAL A 104 -6.55 17.19 14.30
C VAL A 104 -6.07 17.73 12.97
N ASP A 105 -4.75 17.84 12.84
CA ASP A 105 -4.08 18.17 11.57
C ASP A 105 -4.74 19.37 10.89
N ILE A 106 -4.85 20.46 11.64
CA ILE A 106 -5.64 21.59 11.21
C ILE A 106 -4.74 22.47 10.34
N THR A 107 -5.15 22.67 9.09
CA THR A 107 -4.47 23.53 8.15
C THR A 107 -5.43 24.64 7.74
N ASP A 108 -4.91 25.59 6.98
CA ASP A 108 -5.74 26.69 6.48
C ASP A 108 -6.86 26.21 5.58
N SER A 109 -6.72 25.06 4.92
CA SER A 109 -7.69 24.63 3.93
C SER A 109 -8.36 23.30 4.21
N SER A 110 -8.06 22.66 5.33
CA SER A 110 -8.61 21.34 5.62
C SER A 110 -8.61 21.16 7.13
N ILE A 111 -9.50 20.32 7.63
CA ILE A 111 -9.47 19.96 9.03
C ILE A 111 -9.62 18.45 9.10
N GLY A 112 -8.92 17.83 10.04
CA GLY A 112 -8.95 16.40 10.22
C GLY A 112 -9.83 16.02 11.39
N LEU A 113 -10.71 15.06 11.16
CA LEU A 113 -11.57 14.50 12.19
C LEU A 113 -10.95 13.17 12.62
N ARG A 114 -10.83 12.95 13.92
CA ARG A 114 -10.23 11.73 14.44
C ARG A 114 -11.11 11.16 15.55
N TRP A 115 -11.31 9.84 15.52
CA TRP A 115 -12.07 9.16 16.56
C TRP A 115 -11.65 7.70 16.62
N THR A 116 -12.04 7.05 17.73
CA THR A 116 -11.85 5.61 17.88
C THR A 116 -13.07 4.89 17.31
N PRO A 117 -12.90 4.05 16.28
CA PRO A 117 -14.03 3.23 15.82
C PRO A 117 -14.59 2.39 16.97
N LEU A 118 -15.92 2.38 17.08
CA LEU A 118 -16.62 1.61 18.10
C LEU A 118 -16.54 0.11 17.82
N ASN A 119 -16.52 -0.67 18.91
CA ASN A 119 -16.32 -2.11 18.87
C ASN A 119 -17.60 -2.93 18.82
N SER A 120 -18.63 -2.54 18.09
CA SER A 120 -19.84 -3.34 18.02
C SER A 120 -20.06 -3.84 16.61
N SER A 121 -20.42 -5.11 16.47
CA SER A 121 -20.60 -5.70 15.16
C SER A 121 -21.84 -5.22 14.44
N THR A 122 -22.75 -4.53 15.13
CA THR A 122 -23.94 -4.03 14.47
C THR A 122 -23.67 -2.75 13.68
N ILE A 123 -22.54 -2.09 13.94
CA ILE A 123 -22.25 -0.81 13.30
C ILE A 123 -21.90 -1.05 11.84
N ILE A 124 -22.63 -0.39 10.94
CA ILE A 124 -22.37 -0.52 9.51
C ILE A 124 -21.53 0.62 8.95
N GLY A 125 -21.28 1.67 9.72
CA GLY A 125 -20.51 2.78 9.21
C GLY A 125 -20.81 4.06 9.96
N TYR A 126 -20.32 5.16 9.40
CA TYR A 126 -20.50 6.46 10.02
C TYR A 126 -20.91 7.47 8.94
N ARG A 127 -21.79 8.39 9.33
CA ARG A 127 -22.22 9.49 8.47
C ARG A 127 -21.57 10.77 8.97
N ILE A 128 -20.94 11.50 8.06
CA ILE A 128 -20.26 12.75 8.38
C ILE A 128 -21.04 13.88 7.71
N THR A 129 -21.47 14.87 8.50
CA THR A 129 -22.19 16.01 7.96
C THR A 129 -21.54 17.31 8.42
N VAL A 130 -21.57 18.30 7.53
CA VAL A 130 -21.19 19.67 7.83
C VAL A 130 -22.41 20.57 7.57
N VAL A 131 -22.70 21.44 8.54
CA VAL A 131 -23.82 22.39 8.45
C VAL A 131 -23.31 23.78 8.85
N ALA A 132 -23.59 24.78 8.01
CA ALA A 132 -23.34 26.16 8.40
C ALA A 132 -24.28 26.48 9.56
N ALA A 133 -23.72 26.77 10.73
CA ALA A 133 -24.54 26.78 11.93
C ALA A 133 -25.50 27.96 11.96
N GLY A 134 -25.15 29.09 11.31
CA GLY A 134 -26.00 30.26 11.39
C GLY A 134 -27.33 30.08 10.67
N GLU A 135 -27.26 29.69 9.40
CA GLU A 135 -28.45 29.48 8.58
C GLU A 135 -29.01 28.06 8.63
N GLY A 136 -28.31 27.11 9.25
CA GLY A 136 -28.79 25.75 9.20
C GLY A 136 -28.83 25.14 7.81
N ILE A 137 -27.83 25.42 6.98
CA ILE A 137 -27.75 24.87 5.63
C ILE A 137 -26.79 23.70 5.63
N PRO A 138 -27.23 22.49 5.27
CA PRO A 138 -26.27 21.38 5.09
C PRO A 138 -25.33 21.67 3.94
N ILE A 139 -24.03 21.54 4.20
CA ILE A 139 -22.99 21.88 3.24
C ILE A 139 -22.39 20.62 2.59
N PHE A 140 -22.25 19.54 3.36
CA PHE A 140 -21.44 18.41 2.96
C PHE A 140 -21.91 17.17 3.73
N GLU A 141 -21.90 16.03 3.05
CA GLU A 141 -22.24 14.74 3.64
C GLU A 141 -21.42 13.62 2.99
N ASP A 142 -20.97 12.69 3.82
CA ASP A 142 -20.33 11.47 3.33
C ASP A 142 -20.62 10.33 4.31
N PHE A 143 -20.31 9.11 3.86
CA PHE A 143 -20.54 7.88 4.61
C PHE A 143 -19.26 7.06 4.53
N VAL A 144 -18.81 6.52 5.66
CA VAL A 144 -17.59 5.73 5.71
C VAL A 144 -17.85 4.43 6.44
N ASP A 145 -16.98 3.46 6.17
CA ASP A 145 -17.04 2.12 6.76
C ASP A 145 -16.82 2.16 8.26
N SER A 146 -17.25 1.08 8.93
CA SER A 146 -17.20 0.97 10.39
C SER A 146 -15.79 0.91 10.95
N SER A 147 -14.79 0.63 10.11
CA SER A 147 -13.40 0.57 10.57
C SER A 147 -12.68 1.91 10.45
N VAL A 148 -13.31 2.91 9.85
CA VAL A 148 -12.67 4.19 9.60
C VAL A 148 -12.75 5.05 10.85
N GLY A 149 -11.64 5.66 11.23
CA GLY A 149 -11.59 6.52 12.40
C GLY A 149 -10.95 7.87 12.12
N TYR A 150 -10.88 8.22 10.84
CA TYR A 150 -10.24 9.47 10.42
C TYR A 150 -10.97 10.01 9.18
N TYR A 151 -11.09 11.33 9.08
CA TYR A 151 -11.70 11.96 7.92
C TYR A 151 -11.10 13.35 7.71
N THR A 152 -10.92 13.74 6.45
CA THR A 152 -10.45 15.08 6.10
C THR A 152 -11.62 15.89 5.52
N VAL A 153 -11.99 16.97 6.20
CA VAL A 153 -13.08 17.85 5.78
C VAL A 153 -12.47 19.06 5.06
N THR A 154 -12.87 19.30 3.82
CA THR A 154 -12.40 20.48 3.10
C THR A 154 -13.60 21.34 2.73
N GLY A 155 -13.31 22.53 2.22
CA GLY A 155 -14.31 23.41 1.66
C GLY A 155 -15.03 24.29 2.65
N LEU A 156 -14.44 24.56 3.82
CA LEU A 156 -15.08 25.43 4.80
C LEU A 156 -14.79 26.88 4.44
N GLU A 157 -15.83 27.66 4.24
CA GLU A 157 -15.65 29.06 3.92
C GLU A 157 -14.87 29.74 5.03
N PRO A 158 -13.84 30.52 4.72
CA PRO A 158 -13.25 31.39 5.74
C PRO A 158 -14.34 32.24 6.39
N GLY A 159 -14.31 32.34 7.71
CA GLY A 159 -15.19 33.22 8.44
C GLY A 159 -16.50 32.63 8.91
N ILE A 160 -16.92 31.46 8.38
CA ILE A 160 -18.22 30.86 8.69
C ILE A 160 -18.04 29.87 9.83
N ASP A 161 -18.99 29.88 10.78
CA ASP A 161 -19.02 28.90 11.86
C ASP A 161 -19.71 27.62 11.36
N TYR A 162 -19.11 26.46 11.63
CA TYR A 162 -19.65 25.18 11.16
C TYR A 162 -19.92 24.21 12.29
N ASP A 163 -21.02 23.48 12.17
CA ASP A 163 -21.28 22.29 12.98
C ASP A 163 -20.86 21.05 12.19
N ILE A 164 -19.92 20.30 12.73
CA ILE A 164 -19.40 19.10 12.07
C ILE A 164 -19.73 17.90 12.94
N SER A 165 -20.53 16.98 12.40
CA SER A 165 -21.06 15.88 13.17
C SER A 165 -20.67 14.54 12.55
N VAL A 166 -20.47 13.53 13.40
CA VAL A 166 -20.28 12.15 12.97
C VAL A 166 -21.36 11.31 13.64
N ILE A 167 -22.08 10.53 12.83
CA ILE A 167 -23.23 9.77 13.29
C ILE A 167 -22.98 8.28 13.11
N THR A 168 -23.17 7.51 14.19
CA THR A 168 -22.98 6.05 14.14
C THR A 168 -24.21 5.40 13.51
N LEU A 169 -23.99 4.56 12.50
CA LEU A 169 -25.05 3.91 11.74
C LEU A 169 -25.10 2.41 12.06
N ILE A 170 -26.32 1.90 12.28
CA ILE A 170 -26.58 0.47 12.28
C ILE A 170 -27.63 0.18 11.22
N ASN A 171 -27.90 -1.10 11.00
CA ASN A 171 -28.93 -1.44 10.05
C ASN A 171 -30.29 -1.10 10.65
N GLY A 172 -30.91 -0.06 10.12
CA GLY A 172 -32.18 0.38 10.65
C GLY A 172 -32.11 1.36 11.82
N GLY A 173 -30.93 1.91 12.11
CA GLY A 173 -30.84 2.85 13.22
C GLY A 173 -29.62 3.74 13.10
N GLU A 174 -29.61 4.79 13.91
CA GLU A 174 -28.46 5.66 14.03
C GLU A 174 -28.47 6.32 15.40
N SER A 175 -27.29 6.78 15.82
CA SER A 175 -27.13 7.44 17.10
C SER A 175 -27.48 8.93 16.99
N ALA A 176 -27.55 9.59 18.14
CA ALA A 176 -27.50 11.04 18.16
C ALA A 176 -26.15 11.50 17.61
N PRO A 177 -26.10 12.66 16.95
CA PRO A 177 -24.83 13.10 16.36
C PRO A 177 -23.88 13.54 17.44
N THR A 178 -22.60 13.26 17.25
CA THR A 178 -21.55 13.85 18.07
C THR A 178 -20.99 15.02 17.29
N THR A 179 -21.01 16.20 17.89
CA THR A 179 -20.83 17.42 17.12
C THR A 179 -19.66 18.22 17.67
N LEU A 180 -18.89 18.77 16.74
CA LEU A 180 -17.90 19.79 17.03
C LEU A 180 -18.21 21.01 16.17
N THR A 181 -17.76 22.19 16.62
CA THR A 181 -17.91 23.41 15.86
C THR A 181 -16.54 23.94 15.47
N GLN A 182 -16.46 24.54 14.28
CA GLN A 182 -15.21 25.08 13.75
C GLN A 182 -15.51 26.37 13.02
N GLN A 183 -14.69 27.38 13.26
CA GLN A 183 -14.75 28.63 12.51
C GLN A 183 -13.30 29.06 12.30
N THR A 184 -12.90 29.26 11.05
CA THR A 184 -11.55 29.76 10.76
C THR A 184 -11.64 31.20 10.29
N ALA A 185 -11.06 32.12 11.07
CA ALA A 185 -11.04 33.53 10.73
C ALA A 185 -10.20 33.77 9.48
N VAL A 186 -10.51 34.83 8.73
CA VAL A 186 -9.67 35.15 7.59
C VAL A 186 -8.40 35.85 8.09
N PRO A 187 -7.23 35.41 7.62
CA PRO A 187 -5.96 35.87 8.22
C PRO A 187 -5.64 37.30 7.79
N PRO A 188 -5.08 38.11 8.69
CA PRO A 188 -4.81 39.52 8.37
C PRO A 188 -3.58 39.68 7.51
N PRO A 189 -3.42 40.81 6.86
CA PRO A 189 -2.12 41.15 6.28
C PRO A 189 -1.15 41.60 7.38
N THR A 190 0.14 41.67 7.02
CA THR A 190 1.18 42.08 7.97
C THR A 190 2.12 43.06 7.30
N ASP A 191 3.04 43.62 8.09
CA ASP A 191 4.17 44.40 7.60
C ASP A 191 3.74 45.64 6.81
N LEU A 192 3.00 46.50 7.50
CA LEU A 192 2.50 47.72 6.90
C LEU A 192 3.60 48.76 6.74
N ARG A 193 3.78 49.29 5.52
CA ARG A 193 4.84 50.28 5.27
C ARG A 193 4.35 51.43 4.41
N PHE A 194 4.95 52.60 4.64
CA PHE A 194 4.57 53.86 4.01
C PHE A 194 5.77 54.44 3.25
N THR A 195 5.59 54.68 1.94
CA THR A 195 6.65 55.25 1.10
C THR A 195 6.08 56.33 0.21
N ASN A 196 6.96 56.85 -0.65
CA ASN A 196 6.66 57.90 -1.62
C ASN A 196 5.78 58.98 -0.98
N ILE A 197 6.27 59.49 0.14
CA ILE A 197 5.50 60.37 1.00
C ILE A 197 5.77 61.81 0.56
N GLY A 198 4.85 62.35 -0.22
CA GLY A 198 4.89 63.74 -0.62
C GLY A 198 4.05 64.51 0.38
N PRO A 199 3.71 65.75 0.03
CA PRO A 199 2.94 66.59 0.98
C PRO A 199 1.46 66.22 1.06
N ASP A 200 0.88 65.64 0.00
CA ASP A 200 -0.52 65.26 0.01
C ASP A 200 -0.75 63.83 -0.43
N THR A 201 0.28 63.00 -0.49
CA THR A 201 0.17 61.67 -1.04
C THR A 201 1.07 60.71 -0.27
N MET A 202 0.71 59.43 -0.28
CA MET A 202 1.59 58.40 0.28
C MET A 202 1.26 57.04 -0.32
N ARG A 203 2.28 56.18 -0.40
CA ARG A 203 2.13 54.80 -0.84
C ARG A 203 2.06 53.89 0.37
N VAL A 204 1.06 53.00 0.39
CA VAL A 204 0.86 52.08 1.49
C VAL A 204 1.06 50.67 0.94
N THR A 205 1.89 49.90 1.60
CA THR A 205 2.23 48.56 1.16
C THR A 205 2.07 47.64 2.34
N TRP A 206 1.77 46.38 2.05
CA TRP A 206 1.60 45.39 3.10
C TRP A 206 1.92 44.03 2.51
N ALA A 207 2.15 43.10 3.37
CA ALA A 207 2.37 41.72 2.97
C ALA A 207 1.07 40.94 3.12
N PRO A 208 0.60 40.27 2.06
CA PRO A 208 -0.67 39.55 2.12
C PRO A 208 -0.57 38.32 3.01
N PRO A 209 -1.70 37.84 3.55
CA PRO A 209 -1.67 36.61 4.32
C PRO A 209 -1.31 35.43 3.43
N PRO A 210 -0.72 34.38 3.98
CA PRO A 210 -0.36 33.24 3.15
C PRO A 210 -1.57 32.35 2.90
N SER A 211 -1.49 31.63 1.78
CA SER A 211 -2.34 30.47 1.46
C SER A 211 -3.83 30.75 1.62
N ILE A 212 -4.27 31.88 1.10
CA ILE A 212 -5.71 32.11 0.93
C ILE A 212 -5.87 33.05 -0.24
N ASP A 213 -6.79 32.71 -1.13
CA ASP A 213 -7.14 33.60 -2.22
C ASP A 213 -8.38 34.38 -1.76
N LEU A 214 -8.20 35.67 -1.56
CA LEU A 214 -9.14 36.61 -1.00
C LEU A 214 -10.04 37.18 -2.11
N THR A 215 -11.14 37.81 -1.70
CA THR A 215 -11.93 38.57 -2.66
C THR A 215 -11.38 39.98 -2.84
N ASN A 216 -10.87 40.60 -1.76
CA ASN A 216 -10.26 41.93 -1.82
C ASN A 216 -9.64 42.29 -0.49
N PHE A 217 -8.92 43.42 -0.49
CA PHE A 217 -8.44 44.10 0.69
C PHE A 217 -9.27 45.36 0.91
N LEU A 218 -9.40 45.75 2.17
CA LEU A 218 -10.13 46.95 2.55
C LEU A 218 -9.20 47.89 3.29
N VAL A 219 -9.03 49.10 2.75
CA VAL A 219 -8.18 50.13 3.32
C VAL A 219 -9.05 51.23 3.91
N ARG A 220 -8.87 51.50 5.19
CA ARG A 220 -9.55 52.59 5.89
C ARG A 220 -8.50 53.60 6.37
N TYR A 221 -8.72 54.89 6.11
CA TYR A 221 -7.73 55.90 6.52
C TYR A 221 -8.40 57.23 6.83
N SER A 222 -7.88 57.92 7.85
CA SER A 222 -8.44 59.19 8.31
C SER A 222 -7.37 59.95 9.09
N PRO A 223 -7.51 61.28 9.22
CA PRO A 223 -6.65 62.00 10.17
C PRO A 223 -6.88 61.51 11.58
N VAL A 224 -5.81 61.46 12.37
CA VAL A 224 -5.93 61.01 13.75
C VAL A 224 -6.95 61.87 14.51
N LYS A 225 -6.97 63.17 14.24
CA LYS A 225 -7.81 64.08 15.01
C LYS A 225 -9.23 64.22 14.44
N ASN A 226 -9.61 63.37 13.48
CA ASN A 226 -11.03 63.32 13.07
C ASN A 226 -11.26 61.95 12.42
N GLU A 227 -11.70 61.01 13.25
CA GLU A 227 -12.01 59.67 12.75
C GLU A 227 -13.24 59.71 11.85
N GLU A 228 -14.15 60.66 12.12
CA GLU A 228 -15.38 60.81 11.36
C GLU A 228 -15.12 61.15 9.89
N ASP A 229 -13.90 61.53 9.54
CA ASP A 229 -13.54 61.84 8.17
C ASP A 229 -12.95 60.64 7.44
N VAL A 230 -13.16 59.43 7.96
CA VAL A 230 -12.59 58.22 7.37
C VAL A 230 -12.97 58.09 5.90
N ALA A 231 -11.98 57.69 5.09
CA ALA A 231 -12.18 57.30 3.70
C ALA A 231 -11.90 55.81 3.56
N GLU A 232 -12.40 55.23 2.48
CA GLU A 232 -12.22 53.80 2.24
C GLU A 232 -11.96 53.57 0.75
N LEU A 233 -11.11 52.58 0.46
CA LEU A 233 -10.86 52.08 -0.88
C LEU A 233 -10.91 50.55 -0.85
N SER A 234 -11.39 49.95 -1.93
CA SER A 234 -11.35 48.51 -2.09
C SER A 234 -10.22 48.11 -3.04
N ILE A 235 -9.39 47.17 -2.61
CA ILE A 235 -8.16 46.82 -3.32
C ILE A 235 -8.28 45.39 -3.84
N SER A 236 -7.82 45.19 -5.08
CA SER A 236 -7.77 43.87 -5.69
C SER A 236 -7.01 42.89 -4.80
N PRO A 237 -7.48 41.63 -4.70
CA PRO A 237 -6.81 40.65 -3.83
C PRO A 237 -5.46 40.21 -4.37
N SER A 238 -5.15 40.55 -5.62
CA SER A 238 -3.87 40.22 -6.22
C SER A 238 -2.85 41.36 -6.13
N ASP A 239 -3.23 42.49 -5.52
CA ASP A 239 -2.37 43.66 -5.37
C ASP A 239 -2.05 43.88 -3.90
N ASN A 240 -0.87 44.40 -3.60
CA ASN A 240 -0.46 44.57 -2.21
C ASN A 240 -0.06 45.99 -1.87
N ALA A 241 -0.57 46.98 -2.62
CA ALA A 241 -0.19 48.38 -2.42
C ALA A 241 -1.29 49.30 -2.96
N VAL A 242 -1.29 50.53 -2.44
CA VAL A 242 -2.25 51.55 -2.88
C VAL A 242 -1.60 52.92 -2.69
N VAL A 243 -1.93 53.85 -3.59
CA VAL A 243 -1.44 55.22 -3.52
C VAL A 243 -2.58 56.10 -3.01
N LEU A 244 -2.42 56.65 -1.81
CA LEU A 244 -3.39 57.59 -1.26
C LEU A 244 -3.09 59.00 -1.79
N THR A 245 -4.13 59.69 -2.25
CA THR A 245 -4.03 61.06 -2.76
C THR A 245 -5.02 61.96 -2.02
N ASN A 246 -4.89 63.26 -2.29
CA ASN A 246 -5.76 64.30 -1.69
C ASN A 246 -5.65 64.34 -0.17
N LEU A 247 -4.49 64.01 0.39
CA LEU A 247 -4.31 64.04 1.83
C LEU A 247 -4.04 65.47 2.31
N LEU A 248 -4.34 65.70 3.58
CA LEU A 248 -4.08 66.96 4.24
C LEU A 248 -2.60 67.08 4.61
N PRO A 249 -2.00 68.25 4.42
CA PRO A 249 -0.58 68.42 4.74
C PRO A 249 -0.32 68.45 6.23
N GLY A 250 0.91 68.06 6.60
CA GLY A 250 1.39 68.11 7.98
C GLY A 250 0.44 67.45 8.96
N THR A 251 -0.28 66.44 8.47
CA THR A 251 -1.32 65.75 9.22
C THR A 251 -0.94 64.28 9.37
N GLU A 252 -1.08 63.75 10.58
CA GLU A 252 -0.85 62.33 10.82
C GLU A 252 -2.15 61.57 10.52
N TYR A 253 -2.07 60.62 9.60
CA TYR A 253 -3.18 59.74 9.27
C TYR A 253 -3.02 58.41 9.98
N VAL A 254 -4.14 57.83 10.39
CA VAL A 254 -4.16 56.44 10.80
C VAL A 254 -4.72 55.62 9.64
N VAL A 255 -4.04 54.51 9.33
CA VAL A 255 -4.34 53.67 8.18
C VAL A 255 -4.54 52.23 8.65
N SER A 256 -5.58 51.57 8.15
CA SER A 256 -5.77 50.15 8.44
C SER A 256 -6.04 49.40 7.15
N VAL A 257 -5.50 48.19 7.05
CA VAL A 257 -5.75 47.31 5.91
C VAL A 257 -6.32 46.02 6.46
N SER A 258 -7.41 45.54 5.84
CA SER A 258 -8.03 44.29 6.26
C SER A 258 -8.14 43.32 5.09
N SER A 259 -7.89 42.04 5.36
CA SER A 259 -8.25 41.00 4.41
C SER A 259 -9.77 40.79 4.38
N VAL A 260 -10.28 40.53 3.18
CA VAL A 260 -11.71 40.33 2.97
C VAL A 260 -11.93 39.05 2.17
N TYR A 261 -12.77 38.17 2.69
CA TYR A 261 -13.28 37.05 1.91
C TYR A 261 -14.80 37.21 1.94
N GLU A 262 -15.34 37.64 0.80
CA GLU A 262 -16.73 38.00 0.59
C GLU A 262 -17.22 38.98 1.66
N GLN A 263 -17.94 38.54 2.70
CA GLN A 263 -18.39 39.48 3.74
C GLN A 263 -17.50 39.54 4.97
N HIS A 264 -16.54 38.62 5.11
CA HIS A 264 -15.82 38.45 6.37
C HIS A 264 -14.44 39.09 6.30
N GLU A 265 -14.09 39.83 7.35
CA GLU A 265 -12.85 40.57 7.46
C GLU A 265 -11.92 39.91 8.46
N SER A 266 -10.62 40.04 8.22
CA SER A 266 -9.60 39.77 9.22
C SER A 266 -9.52 40.91 10.23
N THR A 267 -8.82 40.65 11.34
CA THR A 267 -8.42 41.76 12.20
C THR A 267 -7.61 42.78 11.40
N PRO A 268 -7.70 44.06 11.76
CA PRO A 268 -7.08 45.11 10.94
C PRO A 268 -5.58 45.20 11.15
N LEU A 269 -4.88 45.50 10.07
CA LEU A 269 -3.47 45.84 10.12
C LEU A 269 -3.39 47.36 10.15
N ARG A 270 -2.94 47.92 11.26
CA ARG A 270 -2.98 49.37 11.48
C ARG A 270 -1.58 49.97 11.51
N GLY A 271 -1.50 51.24 11.13
CA GLY A 271 -0.29 52.02 11.28
C GLY A 271 -0.67 53.49 11.19
N ARG A 272 0.29 54.34 11.53
CA ARG A 272 0.09 55.78 11.47
C ARG A 272 1.24 56.38 10.69
N GLN A 273 0.98 57.49 10.00
CA GLN A 273 1.98 58.10 9.14
C GLN A 273 1.62 59.55 8.86
N LYS A 274 2.58 60.45 9.02
CA LYS A 274 2.39 61.87 8.80
C LYS A 274 2.80 62.24 7.37
N THR A 275 2.01 63.12 6.75
CA THR A 275 2.31 63.63 5.42
C THR A 275 3.31 64.78 5.45
N MET B 1 -34.66 -18.35 -41.35
CA MET B 1 -34.17 -19.08 -42.53
C MET B 1 -32.68 -19.37 -42.39
N LEU B 2 -31.88 -18.32 -42.34
CA LEU B 2 -30.47 -18.41 -41.97
C LEU B 2 -30.38 -18.56 -40.46
N SER B 3 -30.02 -19.71 -39.99
CA SER B 3 -30.09 -19.85 -38.55
C SER B 3 -28.75 -19.54 -37.87
N PRO B 4 -28.77 -18.96 -36.67
CA PRO B 4 -27.52 -18.65 -35.99
C PRO B 4 -26.80 -19.93 -35.61
N PRO B 5 -25.51 -19.84 -35.24
CA PRO B 5 -24.80 -21.00 -34.71
C PRO B 5 -25.36 -21.33 -33.33
N THR B 6 -25.02 -22.52 -32.82
CA THR B 6 -25.53 -22.89 -31.52
C THR B 6 -24.40 -23.07 -30.54
N ASN B 7 -24.78 -23.21 -29.27
CA ASN B 7 -23.88 -23.70 -28.23
C ASN B 7 -22.65 -22.80 -28.06
N LEU B 8 -22.91 -21.51 -27.89
CA LEU B 8 -21.84 -20.54 -27.74
C LEU B 8 -21.11 -20.74 -26.42
N HIS B 9 -19.79 -20.83 -26.48
CA HIS B 9 -18.99 -20.83 -25.26
C HIS B 9 -17.99 -19.67 -25.28
N LEU B 10 -17.84 -19.02 -24.13
CA LEU B 10 -16.89 -17.95 -23.91
C LEU B 10 -15.87 -18.39 -22.87
N GLU B 11 -14.59 -18.37 -23.23
CA GLU B 11 -13.53 -18.72 -22.29
C GLU B 11 -12.52 -17.59 -22.24
N ALA B 12 -12.50 -16.88 -21.12
CA ALA B 12 -11.49 -15.86 -20.86
C ALA B 12 -10.41 -16.48 -19.99
N ASN B 13 -9.28 -16.85 -20.61
CA ASN B 13 -8.14 -17.45 -19.92
C ASN B 13 -7.42 -16.35 -19.16
N PRO B 14 -7.43 -16.39 -17.82
CA PRO B 14 -6.70 -15.37 -17.07
C PRO B 14 -5.20 -15.50 -17.20
N ASP B 15 -4.69 -16.69 -17.50
CA ASP B 15 -3.24 -16.87 -17.58
C ASP B 15 -2.68 -16.25 -18.86
N THR B 16 -3.45 -16.22 -19.95
CA THR B 16 -2.98 -15.63 -21.19
C THR B 16 -3.62 -14.29 -21.51
N GLY B 17 -4.74 -13.96 -20.88
CA GLY B 17 -5.47 -12.76 -21.23
C GLY B 17 -6.24 -12.85 -22.53
N VAL B 18 -6.36 -14.03 -23.11
CA VAL B 18 -7.02 -14.22 -24.40
C VAL B 18 -8.43 -14.73 -24.16
N LEU B 19 -9.40 -14.16 -24.87
CA LEU B 19 -10.77 -14.65 -24.89
C LEU B 19 -10.96 -15.55 -26.11
N THR B 20 -11.40 -16.78 -25.86
CA THR B 20 -11.73 -17.74 -26.92
C THR B 20 -13.24 -17.91 -27.02
N VAL B 21 -13.75 -17.69 -28.22
CA VAL B 21 -15.18 -17.83 -28.53
C VAL B 21 -15.32 -19.10 -29.38
N SER B 22 -16.24 -19.98 -29.02
CA SER B 22 -16.44 -21.21 -29.76
C SER B 22 -17.93 -21.53 -29.85
N TRP B 23 -18.29 -22.30 -30.88
CA TRP B 23 -19.70 -22.54 -31.15
C TRP B 23 -19.85 -23.80 -31.98
N GLU B 24 -21.09 -24.22 -32.12
CA GLU B 24 -21.44 -25.32 -32.99
C GLU B 24 -21.93 -24.73 -34.30
N ARG B 25 -21.45 -25.26 -35.41
CA ARG B 25 -21.70 -24.64 -36.71
C ARG B 25 -23.18 -24.66 -37.05
N SER B 26 -23.60 -23.67 -37.83
CA SER B 26 -24.99 -23.52 -38.21
C SER B 26 -25.48 -24.67 -39.09
N THR B 27 -26.72 -25.11 -38.84
CA THR B 27 -27.39 -26.13 -39.63
C THR B 27 -27.74 -25.65 -41.04
N THR B 28 -27.59 -24.37 -41.34
CA THR B 28 -27.99 -23.85 -42.63
C THR B 28 -26.98 -24.23 -43.70
N PRO B 29 -27.41 -24.74 -44.86
CA PRO B 29 -26.46 -25.11 -45.91
C PRO B 29 -25.86 -23.91 -46.61
N ASP B 30 -24.61 -24.08 -47.06
CA ASP B 30 -23.92 -23.13 -47.95
C ASP B 30 -23.58 -21.81 -47.26
N ILE B 31 -23.16 -21.89 -45.99
CA ILE B 31 -22.70 -20.72 -45.26
C ILE B 31 -21.39 -20.21 -45.86
N THR B 32 -21.18 -18.90 -45.78
CA THR B 32 -19.93 -18.32 -46.27
C THR B 32 -19.04 -17.80 -45.15
N GLY B 33 -19.45 -17.97 -43.89
CA GLY B 33 -18.58 -17.65 -42.78
C GLY B 33 -19.38 -17.28 -41.56
N TYR B 34 -18.66 -16.74 -40.57
CA TYR B 34 -19.20 -16.24 -39.31
C TYR B 34 -18.52 -14.92 -39.03
N ARG B 35 -19.26 -13.99 -38.43
CA ARG B 35 -18.75 -12.72 -37.97
C ARG B 35 -18.90 -12.65 -36.46
N ILE B 36 -17.84 -12.24 -35.77
CA ILE B 36 -17.81 -12.25 -34.32
C ILE B 36 -17.47 -10.86 -33.82
N THR B 37 -18.30 -10.32 -32.94
CA THR B 37 -18.03 -9.03 -32.32
C THR B 37 -17.91 -9.17 -30.81
N THR B 38 -17.02 -8.39 -30.23
CA THR B 38 -16.83 -8.30 -28.78
C THR B 38 -16.84 -6.81 -28.45
N THR B 39 -17.73 -6.38 -27.56
CA THR B 39 -17.90 -4.95 -27.32
C THR B 39 -18.12 -4.84 -25.81
N PRO B 40 -17.42 -3.92 -25.13
CA PRO B 40 -17.75 -3.65 -23.73
C PRO B 40 -19.14 -3.05 -23.61
N THR B 41 -19.89 -3.47 -22.59
CA THR B 41 -21.25 -2.97 -22.40
C THR B 41 -21.28 -1.72 -21.54
N ASN B 42 -20.33 -0.82 -21.74
CA ASN B 42 -20.27 0.44 -21.00
C ASN B 42 -20.80 1.62 -21.80
N GLY B 43 -21.27 1.40 -23.03
CA GLY B 43 -21.71 2.53 -23.83
C GLY B 43 -20.60 3.42 -24.38
N GLN B 44 -19.36 2.94 -24.41
CA GLN B 44 -18.28 3.71 -25.02
C GLN B 44 -18.15 3.33 -26.49
N GLN B 45 -18.19 4.35 -27.36
CA GLN B 45 -18.00 4.11 -28.78
C GLN B 45 -16.53 3.81 -29.10
N GLY B 46 -16.33 3.11 -30.22
CA GLY B 46 -14.98 2.90 -30.69
C GLY B 46 -14.18 1.84 -29.98
N ASN B 47 -14.79 0.99 -29.15
CA ASN B 47 -14.04 -0.06 -28.45
C ASN B 47 -14.42 -1.46 -28.90
N SER B 48 -15.19 -1.58 -29.97
CA SER B 48 -15.69 -2.86 -30.41
C SER B 48 -14.68 -3.52 -31.34
N LEU B 49 -14.55 -4.84 -31.21
CA LEU B 49 -13.62 -5.63 -32.01
C LEU B 49 -14.41 -6.60 -32.86
N GLU B 50 -13.94 -6.86 -34.08
CA GLU B 50 -14.66 -7.74 -34.98
C GLU B 50 -13.69 -8.71 -35.65
N GLU B 51 -14.14 -9.95 -35.78
CA GLU B 51 -13.45 -10.98 -36.54
C GLU B 51 -14.43 -11.62 -37.52
N VAL B 52 -13.86 -12.10 -38.63
CA VAL B 52 -14.57 -12.89 -39.62
C VAL B 52 -13.78 -14.16 -39.86
N VAL B 53 -14.46 -15.30 -39.86
CA VAL B 53 -13.83 -16.59 -40.06
C VAL B 53 -14.56 -17.32 -41.17
N HIS B 54 -13.92 -18.35 -41.70
CA HIS B 54 -14.50 -19.14 -42.77
C HIS B 54 -15.62 -20.03 -42.22
N ALA B 55 -16.43 -20.56 -43.14
CA ALA B 55 -17.59 -21.36 -42.78
C ALA B 55 -17.22 -22.65 -42.06
N ASP B 56 -16.02 -23.17 -42.26
CA ASP B 56 -15.57 -24.39 -41.62
C ASP B 56 -14.90 -24.10 -40.28
N GLN B 57 -14.89 -22.85 -39.84
CA GLN B 57 -14.30 -22.48 -38.57
C GLN B 57 -15.38 -22.41 -37.50
N SER B 58 -15.04 -22.79 -36.28
CA SER B 58 -16.02 -22.77 -35.21
C SER B 58 -15.44 -22.16 -33.94
N SER B 59 -14.46 -21.28 -34.07
CA SER B 59 -13.91 -20.57 -32.93
C SER B 59 -13.23 -19.30 -33.41
N SER B 60 -12.96 -18.40 -32.47
CA SER B 60 -12.34 -17.13 -32.76
C SER B 60 -11.75 -16.61 -31.46
N THR B 61 -10.84 -15.64 -31.55
CA THR B 61 -10.18 -15.10 -30.37
C THR B 61 -10.10 -13.58 -30.37
N PHE B 62 -9.94 -13.02 -29.16
CA PHE B 62 -9.81 -11.59 -28.95
C PHE B 62 -8.79 -11.39 -27.84
N ASP B 63 -7.81 -10.54 -28.12
CA ASP B 63 -6.69 -10.29 -27.24
C ASP B 63 -6.88 -8.98 -26.49
N ASN B 64 -6.23 -8.87 -25.35
CA ASN B 64 -6.05 -7.60 -24.64
C ASN B 64 -7.36 -7.01 -24.12
N LEU B 65 -8.34 -7.86 -23.81
CA LEU B 65 -9.51 -7.38 -23.09
C LEU B 65 -9.15 -6.98 -21.66
N SER B 66 -9.95 -6.04 -21.09
CA SER B 66 -9.73 -5.48 -19.74
C SER B 66 -10.46 -6.29 -18.69
N PRO B 67 -9.75 -6.74 -17.65
CA PRO B 67 -10.44 -7.36 -16.51
C PRO B 67 -11.39 -6.38 -15.86
N GLY B 68 -12.46 -6.92 -15.27
CA GLY B 68 -13.41 -6.08 -14.56
C GLY B 68 -14.37 -5.30 -15.42
N LEU B 69 -14.34 -5.48 -16.73
CA LEU B 69 -15.26 -4.84 -17.65
C LEU B 69 -16.15 -5.92 -18.26
N GLU B 70 -17.46 -5.68 -18.28
CA GLU B 70 -18.37 -6.64 -18.90
C GLU B 70 -18.29 -6.50 -20.41
N TYR B 71 -18.20 -7.63 -21.12
CA TYR B 71 -18.16 -7.65 -22.57
C TYR B 71 -19.33 -8.45 -23.13
N ASN B 72 -19.89 -7.97 -24.22
CA ASN B 72 -20.88 -8.75 -24.95
C ASN B 72 -20.27 -9.29 -26.24
N VAL B 73 -20.41 -10.59 -26.44
CA VAL B 73 -19.87 -11.28 -27.61
C VAL B 73 -21.03 -11.78 -28.44
N SER B 74 -21.03 -11.46 -29.75
CA SER B 74 -22.10 -11.87 -30.66
C SER B 74 -21.51 -12.60 -31.86
N VAL B 75 -22.15 -13.71 -32.26
CA VAL B 75 -21.73 -14.50 -33.40
C VAL B 75 -22.86 -14.58 -34.43
N TYR B 76 -22.59 -14.08 -35.62
CA TYR B 76 -23.56 -14.09 -36.71
C TYR B 76 -23.15 -15.14 -37.75
N THR B 77 -24.11 -15.94 -38.19
CA THR B 77 -23.94 -16.73 -39.40
C THR B 77 -24.00 -15.82 -40.62
N VAL B 78 -23.00 -15.91 -41.48
CA VAL B 78 -22.91 -15.10 -42.69
C VAL B 78 -23.09 -16.00 -43.90
N LYS B 79 -23.98 -15.60 -44.82
CA LYS B 79 -24.16 -16.28 -46.09
C LYS B 79 -24.23 -15.21 -47.17
N ASP B 80 -23.04 -14.82 -47.66
CA ASP B 80 -22.89 -13.80 -48.70
C ASP B 80 -23.48 -12.48 -48.23
N ASP B 81 -24.57 -12.09 -48.88
CA ASP B 81 -25.21 -10.82 -48.59
C ASP B 81 -25.88 -10.81 -47.21
N LYS B 82 -26.30 -11.97 -46.71
CA LYS B 82 -27.19 -12.03 -45.56
C LYS B 82 -26.44 -12.45 -44.29
N GLU B 83 -27.02 -12.06 -43.15
CA GLU B 83 -26.60 -12.51 -41.82
C GLU B 83 -27.80 -12.99 -41.01
N SER B 84 -27.55 -13.93 -40.11
CA SER B 84 -28.55 -14.40 -39.17
C SER B 84 -28.69 -13.44 -37.99
N VAL B 85 -29.73 -13.66 -37.19
CA VAL B 85 -29.75 -13.14 -35.83
C VAL B 85 -28.57 -13.74 -35.07
N PRO B 86 -27.88 -13.00 -34.19
CA PRO B 86 -26.72 -13.58 -33.50
C PRO B 86 -27.13 -14.44 -32.32
N ILE B 87 -26.22 -15.30 -31.91
CA ILE B 87 -26.17 -15.86 -30.57
C ILE B 87 -25.16 -15.03 -29.80
N SER B 88 -25.39 -14.81 -28.51
CA SER B 88 -24.66 -13.83 -27.73
C SER B 88 -24.45 -14.30 -26.31
N ASP B 89 -23.49 -13.68 -25.64
CA ASP B 89 -23.28 -13.93 -24.21
C ASP B 89 -22.32 -12.90 -23.69
N THR B 90 -22.27 -12.77 -22.37
CA THR B 90 -21.39 -11.83 -21.71
C THR B 90 -20.28 -12.55 -20.96
N ILE B 91 -19.21 -11.81 -20.71
CA ILE B 91 -18.10 -12.35 -19.93
C ILE B 91 -17.35 -11.17 -19.35
N ILE B 92 -16.83 -11.36 -18.14
CA ILE B 92 -15.99 -10.39 -17.45
C ILE B 92 -14.62 -11.03 -17.21
N PRO B 93 -13.61 -10.64 -17.98
CA PRO B 93 -12.27 -11.22 -17.79
C PRO B 93 -11.75 -10.98 -16.37
N GLU B 94 -10.90 -11.89 -15.93
CA GLU B 94 -10.29 -11.80 -14.62
C GLU B 94 -8.76 -11.79 -14.72
N VAL B 95 -8.14 -11.37 -13.62
CA VAL B 95 -6.71 -11.40 -13.41
C VAL B 95 -6.40 -12.69 -12.68
N PRO B 96 -5.41 -13.48 -13.10
CA PRO B 96 -5.13 -14.76 -12.43
C PRO B 96 -4.66 -14.52 -11.01
N GLN B 97 -5.05 -15.42 -10.13
CA GLN B 97 -4.68 -15.32 -8.74
C GLN B 97 -3.72 -16.44 -8.38
N LEU B 98 -2.88 -16.16 -7.39
CA LEU B 98 -1.91 -17.14 -6.93
C LEU B 98 -2.62 -18.41 -6.49
N THR B 99 -2.01 -19.54 -6.80
CA THR B 99 -2.62 -20.83 -6.49
C THR B 99 -1.90 -21.61 -5.41
N ASP B 100 -0.62 -21.36 -5.16
CA ASP B 100 0.14 -22.10 -4.15
C ASP B 100 0.64 -21.16 -3.05
N LEU B 101 -0.28 -20.57 -2.30
CA LEU B 101 0.09 -19.68 -1.21
C LEU B 101 0.13 -20.49 0.09
N SER B 102 1.27 -20.40 0.79
CA SER B 102 1.48 -21.09 2.06
C SER B 102 2.31 -20.20 2.97
N PHE B 103 2.26 -20.49 4.26
CA PHE B 103 3.13 -19.81 5.21
C PHE B 103 3.97 -20.79 6.03
N VAL B 104 5.02 -20.25 6.65
CA VAL B 104 5.77 -20.93 7.70
C VAL B 104 5.79 -20.01 8.92
N ASP B 105 6.02 -20.62 10.08
CA ASP B 105 6.03 -19.89 11.34
C ASP B 105 7.42 -19.47 11.75
N ILE B 106 7.48 -18.42 12.59
CA ILE B 106 8.73 -17.78 12.96
C ILE B 106 8.67 -17.23 14.38
N THR B 107 7.77 -16.29 14.63
CA THR B 107 7.59 -15.66 15.94
C THR B 107 6.16 -15.87 16.41
N ASP B 108 5.94 -15.57 17.69
CA ASP B 108 4.59 -15.54 18.25
C ASP B 108 3.71 -14.53 17.54
N SER B 109 4.34 -13.54 16.88
CA SER B 109 3.65 -12.45 16.20
C SER B 109 4.02 -12.34 14.71
N SER B 110 4.73 -13.31 14.15
CA SER B 110 5.17 -13.18 12.76
C SER B 110 5.21 -14.53 12.05
N ILE B 111 4.90 -14.51 10.75
CA ILE B 111 4.93 -15.68 9.88
C ILE B 111 5.49 -15.29 8.51
N GLY B 112 6.08 -16.26 7.83
CA GLY B 112 6.60 -16.06 6.49
C GLY B 112 5.70 -16.68 5.44
N LEU B 113 5.38 -15.90 4.41
CA LEU B 113 4.51 -16.30 3.31
C LEU B 113 5.32 -16.73 2.11
N ARG B 114 4.91 -17.83 1.46
CA ARG B 114 5.60 -18.33 0.29
C ARG B 114 4.59 -18.58 -0.83
N TRP B 115 4.96 -18.19 -2.04
CA TRP B 115 4.17 -18.50 -3.22
C TRP B 115 5.07 -18.50 -4.44
N THR B 116 4.58 -19.10 -5.51
CA THR B 116 5.28 -19.05 -6.80
C THR B 116 4.81 -17.83 -7.59
N PRO B 117 5.69 -16.89 -7.91
CA PRO B 117 5.29 -15.79 -8.78
C PRO B 117 4.73 -16.30 -10.10
N LEU B 118 3.65 -15.70 -10.55
CA LEU B 118 3.08 -16.10 -11.83
C LEU B 118 3.95 -15.62 -12.97
N ASN B 119 3.97 -16.41 -14.04
CA ASN B 119 4.76 -16.15 -15.24
C ASN B 119 3.88 -15.39 -16.22
N SER B 120 4.10 -14.09 -16.34
CA SER B 120 3.37 -13.24 -17.28
C SER B 120 3.96 -11.85 -17.21
N SER B 121 4.12 -11.23 -18.38
CA SER B 121 4.69 -9.89 -18.42
C SER B 121 3.69 -8.85 -17.95
N THR B 122 2.42 -9.19 -17.86
CA THR B 122 1.40 -8.22 -17.46
C THR B 122 1.34 -7.99 -15.95
N ILE B 123 1.86 -8.91 -15.15
CA ILE B 123 1.80 -8.76 -13.69
C ILE B 123 2.84 -7.75 -13.24
N ILE B 124 2.37 -6.72 -12.53
CA ILE B 124 3.24 -5.67 -12.02
C ILE B 124 3.63 -5.87 -10.57
N GLY B 125 3.03 -6.83 -9.87
CA GLY B 125 3.35 -7.05 -8.48
C GLY B 125 2.22 -7.76 -7.76
N TYR B 126 2.32 -7.73 -6.43
CA TYR B 126 1.34 -8.35 -5.53
C TYR B 126 1.01 -7.39 -4.39
N ARG B 127 -0.24 -7.40 -3.95
CA ARG B 127 -0.65 -6.66 -2.76
C ARG B 127 -0.90 -7.66 -1.64
N ILE B 128 -0.33 -7.38 -0.47
CA ILE B 128 -0.43 -8.25 0.71
C ILE B 128 -1.29 -7.53 1.74
N THR B 129 -2.33 -8.21 2.26
CA THR B 129 -3.21 -7.62 3.27
C THR B 129 -3.38 -8.55 4.48
N VAL B 130 -3.49 -7.95 5.65
CA VAL B 130 -3.84 -8.66 6.87
C VAL B 130 -5.12 -8.04 7.40
N VAL B 131 -6.06 -8.89 7.77
CA VAL B 131 -7.35 -8.47 8.33
C VAL B 131 -7.63 -9.32 9.56
N ALA B 132 -7.95 -8.67 10.67
CA ALA B 132 -8.44 -9.42 11.82
C ALA B 132 -9.79 -10.02 11.45
N ALA B 133 -9.87 -11.34 11.46
CA ALA B 133 -11.00 -12.01 10.81
C ALA B 133 -12.30 -11.81 11.59
N GLY B 134 -12.22 -11.61 12.90
CA GLY B 134 -13.44 -11.51 13.68
C GLY B 134 -14.23 -10.24 13.38
N GLU B 135 -13.57 -9.09 13.51
CA GLU B 135 -14.15 -7.77 13.29
C GLU B 135 -14.08 -7.28 11.85
N GLY B 136 -13.29 -7.92 10.99
CA GLY B 136 -13.11 -7.42 9.62
C GLY B 136 -12.41 -6.08 9.52
N ILE B 137 -11.39 -5.88 10.35
CA ILE B 137 -10.63 -4.62 10.39
C ILE B 137 -9.34 -4.82 9.60
N PRO B 138 -9.11 -4.04 8.53
CA PRO B 138 -7.80 -4.08 7.85
C PRO B 138 -6.69 -3.65 8.80
N ILE B 139 -5.64 -4.47 8.88
CA ILE B 139 -4.56 -4.23 9.82
C ILE B 139 -3.31 -3.69 9.14
N PHE B 140 -3.02 -4.21 7.94
CA PHE B 140 -1.71 -4.07 7.32
C PHE B 140 -1.88 -4.23 5.83
N GLU B 141 -1.10 -3.47 5.08
CA GLU B 141 -1.12 -3.51 3.63
C GLU B 141 0.29 -3.25 3.11
N ASP B 142 0.73 -4.00 2.09
CA ASP B 142 2.01 -3.74 1.44
C ASP B 142 1.93 -4.17 -0.02
N PHE B 143 2.91 -3.70 -0.80
CA PHE B 143 3.00 -3.95 -2.24
C PHE B 143 4.40 -4.44 -2.59
N VAL B 144 4.49 -5.50 -3.41
CA VAL B 144 5.79 -6.02 -3.80
C VAL B 144 5.81 -6.21 -5.31
N ASP B 145 7.02 -6.17 -5.89
CA ASP B 145 7.15 -6.33 -7.33
C ASP B 145 6.88 -7.78 -7.71
N SER B 146 6.71 -7.99 -9.01
CA SER B 146 6.29 -9.27 -9.55
C SER B 146 7.30 -10.39 -9.36
N SER B 147 8.56 -10.07 -9.03
CA SER B 147 9.53 -11.14 -8.88
C SER B 147 9.61 -11.71 -7.47
N VAL B 148 8.91 -11.12 -6.46
CA VAL B 148 9.03 -11.63 -5.09
C VAL B 148 7.96 -12.69 -4.83
N GLY B 149 8.38 -13.78 -4.18
CA GLY B 149 7.52 -14.89 -3.84
C GLY B 149 7.61 -15.24 -2.37
N TYR B 150 8.10 -14.31 -1.56
CA TYR B 150 8.29 -14.52 -0.13
C TYR B 150 7.96 -13.23 0.59
N TYR B 151 7.29 -13.34 1.75
CA TYR B 151 6.96 -12.16 2.53
C TYR B 151 6.89 -12.54 3.99
N THR B 152 7.38 -11.66 4.85
CA THR B 152 7.37 -11.87 6.30
C THR B 152 6.38 -10.91 6.92
N VAL B 153 5.32 -11.45 7.51
CA VAL B 153 4.26 -10.69 8.16
C VAL B 153 4.51 -10.66 9.65
N THR B 154 4.54 -9.47 10.23
CA THR B 154 4.73 -9.31 11.68
C THR B 154 3.55 -8.56 12.27
N GLY B 155 3.56 -8.48 13.60
CA GLY B 155 2.60 -7.67 14.33
C GLY B 155 1.27 -8.31 14.63
N LEU B 156 1.18 -9.63 14.56
CA LEU B 156 -0.05 -10.37 14.83
C LEU B 156 -0.19 -10.64 16.33
N GLU B 157 -1.30 -10.17 16.92
CA GLU B 157 -1.57 -10.39 18.34
C GLU B 157 -1.70 -11.88 18.63
N PRO B 158 -1.06 -12.40 19.67
CA PRO B 158 -1.40 -13.75 20.14
C PRO B 158 -2.89 -13.86 20.39
N GLY B 159 -3.47 -15.00 20.00
CA GLY B 159 -4.84 -15.32 20.29
C GLY B 159 -5.85 -14.90 19.26
N ILE B 160 -5.49 -14.00 18.35
CA ILE B 160 -6.41 -13.40 17.39
C ILE B 160 -6.36 -14.14 16.06
N ASP B 161 -7.52 -14.34 15.45
CA ASP B 161 -7.65 -14.95 14.13
C ASP B 161 -7.38 -13.91 13.03
N TYR B 162 -6.52 -14.25 12.05
CA TYR B 162 -6.20 -13.31 10.98
C TYR B 162 -6.46 -13.90 9.60
N ASP B 163 -7.01 -13.08 8.70
CA ASP B 163 -7.03 -13.37 7.27
C ASP B 163 -5.82 -12.66 6.62
N ILE B 164 -4.94 -13.45 6.03
CA ILE B 164 -3.72 -12.96 5.39
C ILE B 164 -3.83 -13.30 3.91
N SER B 165 -3.87 -12.28 3.05
CA SER B 165 -4.18 -12.44 1.63
C SER B 165 -3.10 -11.86 0.73
N VAL B 166 -2.93 -12.45 -0.44
CA VAL B 166 -2.07 -11.92 -1.48
C VAL B 166 -2.91 -11.69 -2.74
N ILE B 167 -2.78 -10.50 -3.33
CA ILE B 167 -3.60 -10.13 -4.48
C ILE B 167 -2.71 -9.85 -5.67
N THR B 168 -3.04 -10.45 -6.82
CA THR B 168 -2.30 -10.25 -8.05
C THR B 168 -2.64 -8.92 -8.69
N LEU B 169 -1.62 -8.13 -9.04
CA LEU B 169 -1.81 -6.81 -9.61
C LEU B 169 -1.38 -6.77 -11.07
N ILE B 170 -2.20 -6.16 -11.91
CA ILE B 170 -1.76 -5.79 -13.25
C ILE B 170 -1.98 -4.30 -13.43
N ASN B 171 -1.56 -3.78 -14.57
CA ASN B 171 -1.77 -2.37 -14.86
C ASN B 171 -3.25 -2.14 -15.13
N GLY B 172 -3.96 -1.53 -14.17
CA GLY B 172 -5.38 -1.29 -14.33
C GLY B 172 -6.32 -2.39 -13.84
N GLY B 173 -5.83 -3.39 -13.10
CA GLY B 173 -6.68 -4.46 -12.60
C GLY B 173 -6.04 -5.22 -11.46
N GLU B 174 -6.84 -6.04 -10.79
CA GLU B 174 -6.30 -6.93 -9.76
C GLU B 174 -7.12 -8.20 -9.65
N SER B 175 -6.49 -9.24 -9.13
CA SER B 175 -7.19 -10.51 -8.99
C SER B 175 -8.03 -10.53 -7.71
N ALA B 176 -8.87 -11.56 -7.60
CA ALA B 176 -9.46 -11.93 -6.33
C ALA B 176 -8.36 -12.31 -5.35
N PRO B 177 -8.58 -12.13 -4.06
CA PRO B 177 -7.53 -12.45 -3.09
C PRO B 177 -7.37 -13.95 -2.93
N THR B 178 -6.12 -14.41 -2.75
CA THR B 178 -5.84 -15.78 -2.30
C THR B 178 -5.51 -15.68 -0.82
N THR B 179 -6.25 -16.40 0.01
CA THR B 179 -6.29 -16.11 1.43
C THR B 179 -5.94 -17.35 2.25
N LEU B 180 -5.19 -17.12 3.32
CA LEU B 180 -4.92 -18.08 4.37
C LEU B 180 -5.44 -17.50 5.67
N THR B 181 -5.74 -18.37 6.61
CA THR B 181 -6.20 -17.96 7.93
C THR B 181 -5.19 -18.41 8.97
N GLN B 182 -4.93 -17.55 9.95
CA GLN B 182 -3.94 -17.90 10.94
C GLN B 182 -4.29 -17.32 12.30
N GLN B 183 -4.09 -18.14 13.33
CA GLN B 183 -4.23 -17.75 14.72
C GLN B 183 -3.13 -18.43 15.51
N THR B 184 -2.32 -17.64 16.23
CA THR B 184 -1.24 -18.14 17.09
C THR B 184 -1.71 -18.16 18.54
N ALA B 185 -1.63 -19.32 19.18
CA ALA B 185 -2.07 -19.46 20.55
C ALA B 185 -1.22 -18.62 21.50
N VAL B 186 -1.80 -18.27 22.64
CA VAL B 186 -0.95 -17.66 23.68
C VAL B 186 -0.10 -18.76 24.29
N PRO B 187 1.22 -18.61 24.37
CA PRO B 187 2.06 -19.75 24.79
C PRO B 187 1.98 -19.98 26.28
N PRO B 188 1.91 -21.24 26.70
CA PRO B 188 1.77 -21.56 28.14
C PRO B 188 3.09 -21.42 28.88
N PRO B 189 3.05 -21.29 30.21
CA PRO B 189 4.28 -21.45 30.98
C PRO B 189 4.67 -22.92 31.02
N THR B 190 5.87 -23.18 31.53
CA THR B 190 6.40 -24.53 31.66
C THR B 190 7.02 -24.71 33.05
N ASP B 191 7.41 -25.96 33.31
CA ASP B 191 8.24 -26.33 34.46
C ASP B 191 7.61 -25.91 35.80
N LEU B 192 6.41 -26.45 36.05
CA LEU B 192 5.67 -26.17 37.26
C LEU B 192 6.31 -26.89 38.44
N ARG B 193 6.58 -26.16 39.53
CA ARG B 193 7.27 -26.71 40.69
C ARG B 193 6.63 -26.24 41.99
N PHE B 194 6.69 -27.10 43.01
CA PHE B 194 6.14 -26.84 44.34
C PHE B 194 7.24 -26.98 45.37
N THR B 195 7.47 -25.92 46.15
CA THR B 195 8.48 -25.95 47.20
C THR B 195 7.91 -25.32 48.47
N ASN B 196 8.71 -25.43 49.53
CA ASN B 196 8.36 -24.97 50.87
C ASN B 196 6.93 -25.37 51.19
N ILE B 197 6.71 -26.66 51.36
CA ILE B 197 5.37 -27.18 51.55
C ILE B 197 5.18 -27.26 53.05
N GLY B 198 4.26 -26.45 53.56
CA GLY B 198 4.00 -26.43 54.98
C GLY B 198 2.56 -26.81 55.24
N PRO B 199 2.09 -26.56 56.46
CA PRO B 199 0.74 -27.06 56.78
C PRO B 199 -0.36 -26.27 56.12
N ASP B 200 -0.16 -24.98 55.88
CA ASP B 200 -1.20 -24.15 55.29
C ASP B 200 -0.72 -23.33 54.09
N THR B 201 0.48 -23.59 53.58
CA THR B 201 1.04 -22.84 52.47
C THR B 201 1.84 -23.77 51.58
N MET B 202 2.06 -23.31 50.36
CA MET B 202 3.03 -23.90 49.45
C MET B 202 3.43 -22.81 48.47
N ARG B 203 4.67 -22.90 47.98
CA ARG B 203 5.19 -22.00 46.97
C ARG B 203 5.10 -22.66 45.60
N VAL B 204 4.57 -21.94 44.62
CA VAL B 204 4.43 -22.43 43.27
C VAL B 204 5.29 -21.58 42.34
N THR B 205 6.09 -22.25 41.52
CA THR B 205 6.96 -21.58 40.57
C THR B 205 6.73 -22.21 39.22
N TRP B 206 7.03 -21.44 38.18
CA TRP B 206 6.92 -21.87 36.81
C TRP B 206 7.93 -21.08 36.02
N ALA B 207 8.20 -21.55 34.82
CA ALA B 207 9.02 -20.81 33.89
C ALA B 207 8.08 -20.11 32.92
N PRO B 208 8.16 -18.80 32.78
CA PRO B 208 7.27 -18.11 31.85
C PRO B 208 7.61 -18.49 30.41
N PRO B 209 6.65 -18.33 29.50
CA PRO B 209 6.98 -18.50 28.09
C PRO B 209 7.97 -17.44 27.68
N PRO B 210 8.85 -17.76 26.71
CA PRO B 210 9.88 -16.81 26.28
C PRO B 210 9.35 -15.76 25.32
N SER B 211 10.04 -14.61 25.32
CA SER B 211 9.89 -13.58 24.28
C SER B 211 8.42 -13.21 24.05
N ILE B 212 7.70 -12.97 25.14
CA ILE B 212 6.39 -12.36 25.07
C ILE B 212 6.12 -11.67 26.38
N ASP B 213 5.63 -10.44 26.32
CA ASP B 213 5.21 -9.71 27.51
C ASP B 213 3.70 -9.86 27.66
N LEU B 214 3.30 -10.51 28.74
CA LEU B 214 1.93 -10.92 29.01
C LEU B 214 1.15 -9.83 29.76
N THR B 215 -0.18 -10.00 29.76
CA THR B 215 -1.00 -9.17 30.62
C THR B 215 -0.90 -9.62 32.07
N ASN B 216 -0.89 -10.93 32.29
CA ASN B 216 -0.80 -11.45 33.65
C ASN B 216 -0.67 -12.96 33.54
N PHE B 217 -0.38 -13.59 34.68
CA PHE B 217 -0.59 -15.02 34.85
C PHE B 217 -1.82 -15.19 35.71
N LEU B 218 -2.51 -16.31 35.49
CA LEU B 218 -3.69 -16.65 36.26
C LEU B 218 -3.43 -18.01 36.90
N VAL B 219 -3.49 -18.04 38.22
CA VAL B 219 -3.27 -19.26 38.99
C VAL B 219 -4.61 -19.71 39.53
N ARG B 220 -5.05 -20.90 39.11
CA ARG B 220 -6.29 -21.50 39.60
C ARG B 220 -5.95 -22.76 40.39
N TYR B 221 -6.52 -22.88 41.59
CA TYR B 221 -6.19 -24.00 42.45
C TYR B 221 -7.37 -24.36 43.32
N SER B 222 -7.52 -25.66 43.61
CA SER B 222 -8.61 -26.13 44.44
C SER B 222 -8.23 -27.49 45.01
N PRO B 223 -8.86 -27.91 46.11
CA PRO B 223 -8.69 -29.30 46.54
C PRO B 223 -9.17 -30.24 45.44
N VAL B 224 -8.40 -31.31 45.23
CA VAL B 224 -8.75 -32.28 44.19
C VAL B 224 -10.16 -32.80 44.39
N LYS B 225 -10.58 -32.96 45.64
CA LYS B 225 -11.86 -33.56 45.98
C LYS B 225 -13.00 -32.54 46.05
N ASN B 226 -12.79 -31.31 45.56
CA ASN B 226 -13.87 -30.31 45.53
C ASN B 226 -13.53 -29.23 44.49
N GLU B 227 -14.05 -29.41 43.27
CA GLU B 227 -13.76 -28.45 42.21
C GLU B 227 -14.50 -27.11 42.43
N GLU B 228 -15.68 -27.13 43.02
CA GLU B 228 -16.43 -25.87 43.14
C GLU B 228 -15.79 -24.83 44.05
N ASP B 229 -14.79 -25.18 44.86
CA ASP B 229 -14.14 -24.22 45.74
C ASP B 229 -12.90 -23.57 45.12
N VAL B 230 -12.83 -23.50 43.78
CA VAL B 230 -11.67 -22.93 43.11
C VAL B 230 -11.38 -21.54 43.66
N ALA B 231 -10.10 -21.29 43.92
CA ALA B 231 -9.60 -19.96 44.19
C ALA B 231 -8.70 -19.55 43.03
N GLU B 232 -8.49 -18.25 42.90
CA GLU B 232 -7.78 -17.71 41.76
C GLU B 232 -6.88 -16.58 42.22
N LEU B 233 -5.73 -16.47 41.57
CA LEU B 233 -4.84 -15.34 41.78
C LEU B 233 -4.48 -14.77 40.43
N SER B 234 -4.38 -13.46 40.36
CA SER B 234 -3.88 -12.75 39.20
C SER B 234 -2.48 -12.28 39.54
N ILE B 235 -1.50 -12.69 38.74
CA ILE B 235 -0.09 -12.49 39.01
C ILE B 235 0.45 -11.52 37.97
N SER B 236 1.25 -10.57 38.42
CA SER B 236 1.92 -9.64 37.50
C SER B 236 2.73 -10.43 36.47
N PRO B 237 2.77 -9.98 35.21
CA PRO B 237 3.44 -10.77 34.17
C PRO B 237 4.95 -10.84 34.36
N SER B 238 5.53 -10.06 35.25
CA SER B 238 6.95 -10.16 35.52
C SER B 238 7.28 -11.08 36.67
N ASP B 239 6.28 -11.71 37.31
CA ASP B 239 6.48 -12.60 38.43
C ASP B 239 6.27 -14.03 37.96
N ASN B 240 7.03 -14.97 38.50
CA ASN B 240 6.89 -16.37 38.11
C ASN B 240 6.86 -17.29 39.33
N ALA B 241 6.39 -16.79 40.47
CA ALA B 241 6.26 -17.58 41.67
C ALA B 241 5.16 -16.94 42.51
N VAL B 242 4.49 -17.75 43.32
CA VAL B 242 3.43 -17.24 44.19
C VAL B 242 3.33 -18.15 45.39
N VAL B 243 3.01 -17.57 46.55
CA VAL B 243 2.83 -18.32 47.77
C VAL B 243 1.33 -18.44 48.06
N LEU B 244 0.82 -19.65 47.99
CA LEU B 244 -0.57 -19.94 48.35
C LEU B 244 -0.67 -20.02 49.86
N THR B 245 -1.67 -19.36 50.45
CA THR B 245 -1.88 -19.39 51.89
C THR B 245 -3.30 -19.87 52.23
N ASN B 246 -3.52 -20.11 53.53
CA ASN B 246 -4.80 -20.58 54.05
C ASN B 246 -5.20 -21.91 53.43
N LEU B 247 -4.23 -22.75 53.12
CA LEU B 247 -4.53 -24.05 52.55
C LEU B 247 -4.99 -25.02 53.63
N LEU B 248 -5.77 -26.00 53.20
CA LEU B 248 -6.24 -27.04 54.11
C LEU B 248 -5.14 -28.08 54.36
N PRO B 249 -5.02 -28.56 55.58
CA PRO B 249 -3.97 -29.53 55.90
C PRO B 249 -4.27 -30.89 55.29
N GLY B 250 -3.20 -31.64 55.01
CA GLY B 250 -3.35 -33.00 54.52
C GLY B 250 -4.29 -33.15 53.33
N THR B 251 -4.36 -32.11 52.51
CA THR B 251 -5.27 -32.02 51.38
C THR B 251 -4.45 -31.93 50.10
N GLU B 252 -4.82 -32.69 49.08
CA GLU B 252 -4.18 -32.59 47.78
C GLU B 252 -4.85 -31.48 46.98
N TYR B 253 -4.06 -30.50 46.56
CA TYR B 253 -4.50 -29.43 45.68
C TYR B 253 -4.09 -29.70 44.25
N VAL B 254 -4.96 -29.32 43.32
CA VAL B 254 -4.59 -29.20 41.91
C VAL B 254 -4.38 -27.73 41.62
N VAL B 255 -3.27 -27.40 40.94
CA VAL B 255 -2.89 -26.03 40.68
C VAL B 255 -2.72 -25.91 39.17
N SER B 256 -3.27 -24.84 38.58
CA SER B 256 -3.09 -24.56 37.17
C SER B 256 -2.58 -23.14 36.98
N VAL B 257 -1.59 -22.98 36.10
CA VAL B 257 -1.05 -21.67 35.78
C VAL B 257 -1.28 -21.42 34.28
N SER B 258 -1.89 -20.29 33.96
CA SER B 258 -2.18 -19.95 32.57
C SER B 258 -1.58 -18.60 32.23
N SER B 259 -1.02 -18.51 31.03
CA SER B 259 -0.66 -17.21 30.46
C SER B 259 -1.91 -16.48 29.97
N VAL B 260 -1.91 -15.16 30.14
CA VAL B 260 -3.02 -14.34 29.69
C VAL B 260 -2.45 -13.18 28.88
N TYR B 261 -2.91 -13.04 27.64
CA TYR B 261 -2.58 -11.91 26.78
C TYR B 261 -3.87 -11.29 26.26
N GLU B 262 -4.18 -10.06 26.70
CA GLU B 262 -5.36 -9.31 26.25
C GLU B 262 -6.62 -10.17 26.27
N GLN B 263 -6.89 -10.79 27.41
CA GLN B 263 -8.03 -11.64 27.71
C GLN B 263 -7.84 -13.07 27.19
N HIS B 264 -6.84 -13.34 26.35
CA HIS B 264 -6.71 -14.66 25.75
C HIS B 264 -5.74 -15.48 26.57
N GLU B 265 -6.16 -16.70 26.90
CA GLU B 265 -5.39 -17.57 27.77
C GLU B 265 -4.69 -18.64 26.96
N SER B 266 -3.53 -19.03 27.46
CA SER B 266 -2.84 -20.23 27.02
C SER B 266 -3.54 -21.47 27.58
N THR B 267 -3.15 -22.62 27.05
CA THR B 267 -3.50 -23.86 27.73
C THR B 267 -2.92 -23.83 29.15
N PRO B 268 -3.59 -24.44 30.12
CA PRO B 268 -3.08 -24.35 31.50
C PRO B 268 -1.85 -25.23 31.71
N LEU B 269 -0.94 -24.74 32.58
CA LEU B 269 0.17 -25.53 33.11
C LEU B 269 -0.30 -26.08 34.45
N ARG B 270 -0.56 -27.37 34.51
CA ARG B 270 -1.29 -27.97 35.62
C ARG B 270 -0.43 -28.96 36.40
N GLY B 271 -0.69 -29.06 37.70
CA GLY B 271 -0.03 -30.02 38.58
C GLY B 271 -0.78 -30.20 39.89
N ARG B 272 -0.32 -31.18 40.68
CA ARG B 272 -0.92 -31.54 41.96
C ARG B 272 0.14 -31.56 43.05
N GLN B 273 -0.29 -31.25 44.28
CA GLN B 273 0.61 -31.22 45.43
C GLN B 273 -0.23 -31.28 46.70
N LYS B 274 0.15 -32.18 47.59
CA LYS B 274 -0.53 -32.35 48.87
C LYS B 274 0.18 -31.56 49.95
N THR B 275 -0.60 -30.92 50.83
CA THR B 275 -0.02 -30.20 51.96
C THR B 275 0.30 -31.16 53.12
N MET C 1 26.55 48.91 2.99
CA MET C 1 26.03 47.58 3.21
C MET C 1 27.08 46.52 2.87
N LEU C 2 27.08 45.42 3.64
CA LEU C 2 28.00 44.32 3.40
C LEU C 2 27.59 43.60 2.11
N SER C 3 28.41 43.73 1.08
CA SER C 3 27.85 43.09 -0.10
C SER C 3 28.31 41.63 -0.19
N PRO C 4 27.39 40.74 -0.60
CA PRO C 4 27.71 39.30 -0.72
C PRO C 4 28.63 38.99 -1.88
N PRO C 5 29.20 37.78 -1.92
CA PRO C 5 29.89 37.35 -3.14
C PRO C 5 28.88 37.08 -4.25
N THR C 6 29.39 37.00 -5.48
CA THR C 6 28.61 36.67 -6.67
C THR C 6 29.20 35.43 -7.32
N ASN C 7 28.47 34.88 -8.29
CA ASN C 7 29.02 33.86 -9.18
C ASN C 7 29.51 32.64 -8.40
N LEU C 8 28.65 32.15 -7.52
CA LEU C 8 28.97 30.98 -6.72
C LEU C 8 28.99 29.76 -7.64
N HIS C 9 30.06 28.96 -7.55
CA HIS C 9 30.17 27.72 -8.30
C HIS C 9 30.32 26.55 -7.34
N LEU C 10 29.62 25.48 -7.62
CA LEU C 10 29.70 24.26 -6.83
C LEU C 10 30.17 23.13 -7.75
N GLU C 11 31.26 22.49 -7.37
CA GLU C 11 31.81 21.40 -8.19
C GLU C 11 32.05 20.21 -7.29
N ALA C 12 31.21 19.18 -7.44
CA ALA C 12 31.38 17.90 -6.73
C ALA C 12 32.05 16.92 -7.69
N ASN C 13 33.34 16.70 -7.53
CA ASN C 13 34.12 15.81 -8.38
C ASN C 13 33.87 14.36 -7.98
N PRO C 14 33.20 13.57 -8.83
CA PRO C 14 32.95 12.15 -8.48
C PRO C 14 34.24 11.30 -8.40
N ASP C 15 35.31 11.70 -9.09
CA ASP C 15 36.54 10.90 -9.06
C ASP C 15 37.31 11.05 -7.77
N THR C 16 37.21 12.19 -7.10
CA THR C 16 37.92 12.38 -5.83
C THR C 16 37.01 12.39 -4.62
N GLY C 17 35.71 12.61 -4.81
CA GLY C 17 34.81 12.80 -3.69
C GLY C 17 34.90 14.15 -3.01
N VAL C 18 35.66 15.11 -3.56
CA VAL C 18 35.84 16.43 -2.95
C VAL C 18 34.91 17.43 -3.62
N LEU C 19 34.22 18.23 -2.81
CA LEU C 19 33.41 19.34 -3.29
C LEU C 19 34.25 20.60 -3.29
N THR C 20 34.31 21.29 -4.42
CA THR C 20 34.99 22.59 -4.50
C THR C 20 33.96 23.72 -4.58
N VAL C 21 34.06 24.68 -3.67
CA VAL C 21 33.19 25.85 -3.67
C VAL C 21 34.03 27.05 -4.09
N SER C 22 33.54 27.81 -5.06
CA SER C 22 34.23 29.03 -5.50
C SER C 22 33.21 30.13 -5.84
N TRP C 23 33.71 31.35 -5.80
CA TRP C 23 32.87 32.52 -5.96
C TRP C 23 33.74 33.69 -6.43
N GLU C 24 33.09 34.79 -6.74
CA GLU C 24 33.71 36.04 -7.09
C GLU C 24 33.67 36.96 -5.87
N ARG C 25 34.81 37.58 -5.53
CA ARG C 25 34.89 38.28 -4.25
C ARG C 25 33.99 39.50 -4.22
N SER C 26 33.59 39.86 -3.00
CA SER C 26 32.70 40.99 -2.74
C SER C 26 33.36 42.31 -3.12
N THR C 27 32.56 43.21 -3.69
CA THR C 27 32.97 44.58 -3.97
C THR C 27 33.10 45.45 -2.73
N THR C 28 32.66 45.00 -1.57
CA THR C 28 32.69 45.89 -0.40
C THR C 28 34.15 46.07 0.01
N PRO C 29 34.60 47.30 0.27
CA PRO C 29 36.01 47.50 0.62
C PRO C 29 36.33 47.00 2.02
N ASP C 30 37.57 46.52 2.17
CA ASP C 30 38.14 46.15 3.46
C ASP C 30 37.47 44.93 4.06
N ILE C 31 37.20 43.93 3.22
CA ILE C 31 36.70 42.66 3.71
C ILE C 31 37.80 42.01 4.56
N THR C 32 37.41 41.21 5.54
CA THR C 32 38.37 40.47 6.34
C THR C 32 38.29 38.96 6.13
N GLY C 33 37.43 38.47 5.25
CA GLY C 33 37.40 37.06 4.90
C GLY C 33 36.01 36.63 4.46
N TYR C 34 35.85 35.31 4.35
CA TYR C 34 34.58 34.69 3.99
C TYR C 34 34.35 33.47 4.85
N ARG C 35 33.07 33.22 5.17
CA ARG C 35 32.66 32.03 5.90
C ARG C 35 31.78 31.20 4.99
N ILE C 36 32.08 29.90 4.92
CA ILE C 36 31.44 28.97 3.99
C ILE C 36 30.83 27.84 4.81
N THR C 37 29.55 27.57 4.62
CA THR C 37 28.91 26.43 5.27
C THR C 37 28.35 25.45 4.24
N THR C 38 28.39 24.17 4.60
CA THR C 38 27.81 23.11 3.80
C THR C 38 27.00 22.22 4.72
N THR C 39 25.73 22.00 4.38
CA THR C 39 24.84 21.28 5.25
C THR C 39 23.91 20.42 4.42
N PRO C 40 23.74 19.14 4.77
CA PRO C 40 22.68 18.36 4.12
C PRO C 40 21.32 18.94 4.45
N THR C 41 20.45 18.98 3.43
CA THR C 41 19.12 19.57 3.55
C THR C 41 18.07 18.54 3.98
N ASN C 42 18.44 17.62 4.88
CA ASN C 42 17.53 16.63 5.41
C ASN C 42 17.07 16.95 6.82
N GLY C 43 17.46 18.09 7.39
CA GLY C 43 17.07 18.46 8.73
C GLY C 43 17.76 17.72 9.86
N GLN C 44 18.87 17.05 9.59
CA GLN C 44 19.63 16.38 10.65
C GLN C 44 20.61 17.35 11.27
N GLN C 45 20.55 17.49 12.59
CA GLN C 45 21.47 18.36 13.30
C GLN C 45 22.83 17.69 13.40
N GLY C 46 23.86 18.52 13.57
CA GLY C 46 25.21 18.06 13.78
C GLY C 46 25.97 17.61 12.55
N ASN C 47 25.45 17.84 11.35
CA ASN C 47 26.13 17.40 10.13
C ASN C 47 26.65 18.56 9.29
N SER C 48 26.56 19.78 9.78
CA SER C 48 26.96 20.95 9.01
C SER C 48 28.45 21.19 9.19
N LEU C 49 29.10 21.63 8.11
CA LEU C 49 30.53 21.89 8.10
C LEU C 49 30.75 23.36 7.80
N GLU C 50 31.78 23.93 8.41
CA GLU C 50 32.08 25.34 8.19
C GLU C 50 33.57 25.54 7.94
N GLU C 51 33.88 26.42 6.99
CA GLU C 51 35.24 26.83 6.70
C GLU C 51 35.29 28.36 6.70
N VAL C 52 36.46 28.89 7.04
CA VAL C 52 36.72 30.33 7.00
C VAL C 52 37.98 30.56 6.20
N VAL C 53 37.93 31.55 5.28
CA VAL C 53 39.05 31.86 4.42
C VAL C 53 39.36 33.34 4.56
N HIS C 54 40.58 33.70 4.15
CA HIS C 54 41.01 35.10 4.16
C HIS C 54 40.33 35.87 3.03
N ALA C 55 40.42 37.20 3.12
CA ALA C 55 39.74 38.09 2.20
C ALA C 55 40.25 37.97 0.76
N ASP C 56 41.47 37.49 0.55
CA ASP C 56 41.95 37.33 -0.81
C ASP C 56 41.68 35.94 -1.38
N GLN C 57 40.98 35.09 -0.64
CA GLN C 57 40.61 33.78 -1.15
C GLN C 57 39.21 33.82 -1.74
N SER C 58 39.01 33.02 -2.78
CA SER C 58 37.72 32.92 -3.46
C SER C 58 37.34 31.47 -3.73
N SER C 59 37.80 30.53 -2.88
CA SER C 59 37.38 29.14 -2.99
C SER C 59 37.58 28.42 -1.66
N SER C 60 36.97 27.23 -1.55
CA SER C 60 37.06 26.39 -0.35
C SER C 60 36.59 24.98 -0.75
N THR C 61 36.85 24.00 0.12
CA THR C 61 36.48 22.62 -0.19
C THR C 61 35.86 21.88 0.98
N PHE C 62 35.19 20.79 0.65
CA PHE C 62 34.56 19.91 1.63
C PHE C 62 34.74 18.47 1.17
N ASP C 63 35.20 17.63 2.08
CA ASP C 63 35.55 16.25 1.84
C ASP C 63 34.45 15.32 2.32
N ASN C 64 34.37 14.14 1.71
CA ASN C 64 33.58 13.03 2.26
C ASN C 64 32.09 13.38 2.35
N LEU C 65 31.59 14.22 1.45
CA LEU C 65 30.14 14.40 1.34
C LEU C 65 29.49 13.15 0.77
N SER C 66 28.17 12.95 1.10
CA SER C 66 27.48 11.73 0.67
C SER C 66 26.90 11.87 -0.74
N PRO C 67 27.20 10.92 -1.62
CA PRO C 67 26.59 10.90 -2.95
C PRO C 67 25.11 10.65 -2.87
N GLY C 68 24.36 11.24 -3.81
CA GLY C 68 22.92 11.06 -3.85
C GLY C 68 22.15 11.82 -2.80
N LEU C 69 22.82 12.62 -1.96
CA LEU C 69 22.21 13.44 -0.94
C LEU C 69 22.42 14.92 -1.24
N GLU C 70 21.34 15.71 -1.15
CA GLU C 70 21.43 17.14 -1.43
C GLU C 70 22.11 17.89 -0.29
N TYR C 71 23.04 18.78 -0.65
CA TYR C 71 23.66 19.71 0.29
C TYR C 71 23.35 21.13 -0.15
N ASN C 72 23.17 22.01 0.84
CA ASN C 72 23.12 23.45 0.61
C ASN C 72 24.41 24.11 1.09
N VAL C 73 25.02 24.90 0.21
CA VAL C 73 26.27 25.60 0.47
C VAL C 73 26.00 27.10 0.52
N SER C 74 26.49 27.77 1.57
CA SER C 74 26.32 29.20 1.74
C SER C 74 27.64 29.91 1.95
N VAL C 75 27.83 31.05 1.30
CA VAL C 75 29.06 31.83 1.43
C VAL C 75 28.70 33.22 1.99
N TYR C 76 29.27 33.55 3.15
CA TYR C 76 29.08 34.83 3.81
C TYR C 76 30.32 35.71 3.61
N THR C 77 30.10 36.95 3.18
CA THR C 77 31.18 37.94 3.24
C THR C 77 31.35 38.38 4.70
N VAL C 78 32.57 38.28 5.21
CA VAL C 78 32.86 38.61 6.60
C VAL C 78 33.67 39.91 6.65
N LYS C 79 33.20 40.85 7.46
CA LYS C 79 33.94 42.09 7.74
C LYS C 79 33.84 42.35 9.23
N ASP C 80 34.82 41.82 9.98
CA ASP C 80 34.89 42.03 11.42
C ASP C 80 33.66 41.49 12.13
N ASP C 81 32.91 42.42 12.69
CA ASP C 81 31.70 42.12 13.45
C ASP C 81 30.57 41.64 12.54
N LYS C 82 30.55 42.10 11.29
CA LYS C 82 29.40 41.92 10.42
C LYS C 82 29.61 40.85 9.35
N GLU C 83 28.49 40.25 8.93
CA GLU C 83 28.43 39.32 7.82
C GLU C 83 27.36 39.78 6.85
N SER C 84 27.56 39.50 5.57
CA SER C 84 26.57 39.85 4.58
C SER C 84 25.42 38.85 4.59
N VAL C 85 24.38 39.16 3.82
CA VAL C 85 23.48 38.09 3.38
C VAL C 85 24.29 37.10 2.55
N PRO C 86 24.11 35.80 2.68
CA PRO C 86 24.93 34.86 1.90
C PRO C 86 24.42 34.72 0.47
N ILE C 87 25.30 34.20 -0.36
CA ILE C 87 24.90 33.58 -1.61
C ILE C 87 24.83 32.09 -1.33
N SER C 88 23.90 31.38 -1.95
CA SER C 88 23.78 29.96 -1.62
C SER C 88 23.35 29.16 -2.84
N ASP C 89 23.54 27.85 -2.77
CA ASP C 89 23.08 26.96 -3.83
C ASP C 89 23.17 25.53 -3.31
N THR C 90 22.42 24.63 -3.94
CA THR C 90 22.37 23.23 -3.54
C THR C 90 23.09 22.38 -4.59
N ILE C 91 23.49 21.18 -4.19
CA ILE C 91 24.20 20.27 -5.08
C ILE C 91 24.00 18.85 -4.59
N ILE C 92 23.88 17.91 -5.53
CA ILE C 92 23.80 16.48 -5.24
C ILE C 92 24.99 15.81 -5.91
N PRO C 93 26.01 15.38 -5.15
CA PRO C 93 27.15 14.69 -5.78
C PRO C 93 26.69 13.45 -6.55
N GLU C 94 27.46 13.12 -7.59
CA GLU C 94 27.16 12.01 -8.49
C GLU C 94 28.25 10.94 -8.37
N VAL C 95 27.92 9.77 -8.91
CA VAL C 95 28.80 8.58 -8.86
C VAL C 95 29.50 8.42 -10.20
N PRO C 96 30.82 8.16 -10.23
CA PRO C 96 31.49 7.94 -11.52
C PRO C 96 30.91 6.71 -12.18
N GLN C 97 30.81 6.73 -13.51
CA GLN C 97 30.21 5.60 -14.23
C GLN C 97 31.17 4.96 -15.20
N LEU C 98 31.21 3.64 -15.17
CA LEU C 98 32.00 2.87 -16.13
C LEU C 98 31.45 3.09 -17.54
N THR C 99 32.36 3.29 -18.50
CA THR C 99 31.93 3.59 -19.86
C THR C 99 32.27 2.53 -20.89
N ASP C 100 33.33 1.74 -20.71
CA ASP C 100 33.76 0.80 -21.76
C ASP C 100 33.42 -0.62 -21.29
N LEU C 101 32.34 -1.16 -21.83
CA LEU C 101 31.92 -2.50 -21.47
C LEU C 101 31.74 -3.33 -22.73
N SER C 102 32.40 -4.48 -22.79
CA SER C 102 32.30 -5.36 -23.94
C SER C 102 32.28 -6.80 -23.47
N PHE C 103 31.75 -7.68 -24.33
CA PHE C 103 31.78 -9.11 -24.08
C PHE C 103 32.32 -9.89 -25.28
N VAL C 104 32.83 -11.08 -24.96
CA VAL C 104 33.12 -12.12 -25.92
C VAL C 104 32.35 -13.32 -25.36
N ASP C 105 32.00 -14.26 -26.22
CA ASP C 105 31.25 -15.38 -25.70
C ASP C 105 32.12 -16.63 -25.67
N ILE C 106 32.04 -17.34 -24.55
CA ILE C 106 32.88 -18.49 -24.29
C ILE C 106 32.14 -19.74 -24.78
N THR C 107 30.92 -19.98 -24.27
CA THR C 107 30.08 -21.08 -24.71
C THR C 107 28.70 -20.57 -25.15
N ASP C 108 27.86 -21.51 -25.57
CA ASP C 108 26.46 -21.20 -25.89
C ASP C 108 25.72 -20.61 -24.70
N SER C 109 26.19 -20.84 -23.48
CA SER C 109 25.49 -20.40 -22.28
C SER C 109 26.34 -19.46 -21.43
N SER C 110 27.47 -18.98 -21.94
CA SER C 110 28.31 -18.13 -21.10
C SER C 110 29.07 -17.14 -21.98
N ILE C 111 29.37 -15.99 -21.37
CA ILE C 111 30.12 -14.91 -22.01
C ILE C 111 31.17 -14.38 -21.04
N GLY C 112 32.21 -13.76 -21.61
CA GLY C 112 33.22 -13.08 -20.83
C GLY C 112 32.99 -11.58 -20.94
N LEU C 113 32.89 -10.92 -19.80
CA LEU C 113 32.72 -9.47 -19.72
C LEU C 113 34.05 -8.82 -19.45
N ARG C 114 34.35 -7.77 -20.18
CA ARG C 114 35.59 -7.03 -20.04
C ARG C 114 35.29 -5.55 -19.88
N TRP C 115 36.02 -4.91 -18.98
CA TRP C 115 36.00 -3.46 -18.85
C TRP C 115 37.32 -3.02 -18.26
N THR C 116 37.67 -1.75 -18.49
CA THR C 116 38.82 -1.15 -17.84
C THR C 116 38.36 -0.56 -16.52
N PRO C 117 38.79 -1.09 -15.37
CA PRO C 117 38.43 -0.48 -14.08
C PRO C 117 38.84 0.98 -14.02
N LEU C 118 37.97 1.79 -13.43
CA LEU C 118 38.29 3.19 -13.24
C LEU C 118 39.44 3.32 -12.26
N ASN C 119 40.26 4.36 -12.48
CA ASN C 119 41.44 4.58 -11.64
C ASN C 119 41.14 5.39 -10.39
N SER C 120 40.02 6.09 -10.34
CA SER C 120 39.67 6.86 -9.16
C SER C 120 39.72 6.00 -7.90
N SER C 121 40.24 6.60 -6.82
CA SER C 121 40.35 5.88 -5.56
C SER C 121 39.02 5.71 -4.85
N THR C 122 37.95 6.37 -5.31
CA THR C 122 36.65 6.29 -4.67
C THR C 122 35.89 5.01 -4.99
N ILE C 123 36.22 4.32 -6.09
CA ILE C 123 35.44 3.15 -6.47
C ILE C 123 35.74 2.01 -5.52
N ILE C 124 34.68 1.42 -4.94
CA ILE C 124 34.83 0.30 -4.04
C ILE C 124 34.52 -1.03 -4.71
N GLY C 125 34.03 -1.04 -5.95
CA GLY C 125 33.74 -2.26 -6.65
C GLY C 125 32.73 -2.05 -7.77
N TYR C 126 32.28 -3.17 -8.34
CA TYR C 126 31.34 -3.15 -9.45
C TYR C 126 30.22 -4.16 -9.16
N ARG C 127 28.98 -3.78 -9.47
CA ARG C 127 27.84 -4.68 -9.33
C ARG C 127 27.41 -5.12 -10.72
N ILE C 128 27.33 -6.45 -10.89
CA ILE C 128 27.03 -7.09 -12.16
C ILE C 128 25.66 -7.74 -12.07
N THR C 129 24.79 -7.41 -13.01
CA THR C 129 23.47 -8.01 -13.02
C THR C 129 23.17 -8.54 -14.41
N VAL C 130 22.40 -9.62 -14.44
CA VAL C 130 21.84 -10.20 -15.67
C VAL C 130 20.32 -10.17 -15.56
N VAL C 131 19.67 -9.67 -16.60
CA VAL C 131 18.21 -9.57 -16.64
C VAL C 131 17.73 -10.12 -17.97
N ALA C 132 16.75 -11.02 -17.92
CA ALA C 132 16.10 -11.46 -19.14
C ALA C 132 15.36 -10.27 -19.73
N ALA C 133 15.69 -9.92 -20.97
CA ALA C 133 15.18 -8.67 -21.50
C ALA C 133 13.67 -8.77 -21.74
N GLY C 134 12.99 -7.65 -21.63
CA GLY C 134 11.56 -7.79 -21.85
C GLY C 134 10.80 -8.35 -20.68
N GLU C 135 11.30 -9.42 -20.08
CA GLU C 135 10.60 -10.03 -18.95
C GLU C 135 10.89 -9.28 -17.67
N GLY C 136 12.00 -8.53 -17.63
CA GLY C 136 12.41 -7.77 -16.46
C GLY C 136 12.62 -8.60 -15.22
N ILE C 137 13.08 -9.84 -15.35
CA ILE C 137 13.33 -10.70 -14.21
C ILE C 137 14.84 -10.75 -14.00
N PRO C 138 15.36 -10.23 -12.88
CA PRO C 138 16.81 -10.41 -12.60
C PRO C 138 17.13 -11.88 -12.36
N ILE C 139 18.11 -12.38 -13.11
CA ILE C 139 18.44 -13.79 -13.13
C ILE C 139 19.66 -14.09 -12.24
N PHE C 140 20.61 -13.17 -12.19
CA PHE C 140 21.93 -13.39 -11.62
C PHE C 140 22.49 -12.03 -11.23
N GLU C 141 23.16 -11.98 -10.08
CA GLU C 141 23.77 -10.75 -9.60
C GLU C 141 25.05 -11.10 -8.85
N ASP C 142 26.09 -10.29 -9.02
CA ASP C 142 27.32 -10.48 -8.25
C ASP C 142 27.99 -9.12 -8.05
N PHE C 143 28.95 -9.09 -7.12
CA PHE C 143 29.70 -7.91 -6.73
C PHE C 143 31.18 -8.25 -6.76
N VAL C 144 32.00 -7.38 -7.36
CA VAL C 144 33.43 -7.64 -7.46
C VAL C 144 34.23 -6.45 -6.96
N ASP C 145 35.49 -6.73 -6.62
CA ASP C 145 36.42 -5.75 -6.11
C ASP C 145 36.68 -4.68 -7.17
N SER C 146 37.16 -3.52 -6.73
CA SER C 146 37.37 -2.40 -7.67
C SER C 146 38.52 -2.66 -8.63
N SER C 147 39.36 -3.65 -8.36
CA SER C 147 40.47 -3.99 -9.22
C SER C 147 40.10 -4.98 -10.32
N VAL C 148 38.86 -5.52 -10.30
CA VAL C 148 38.46 -6.53 -11.28
C VAL C 148 37.95 -5.84 -12.54
N GLY C 149 38.42 -6.33 -13.70
CA GLY C 149 38.00 -5.84 -15.00
C GLY C 149 37.54 -6.95 -15.94
N TYR C 150 37.30 -8.14 -15.38
CA TYR C 150 36.87 -9.29 -16.17
C TYR C 150 35.89 -10.12 -15.36
N TYR C 151 34.86 -10.63 -16.03
CA TYR C 151 33.90 -11.49 -15.35
C TYR C 151 33.31 -12.48 -16.36
N THR C 152 33.16 -13.73 -15.92
CA THR C 152 32.57 -14.79 -16.74
C THR C 152 31.13 -14.98 -16.27
N VAL C 153 30.18 -14.71 -17.17
CA VAL C 153 28.75 -14.86 -16.92
C VAL C 153 28.34 -16.20 -17.48
N THR C 154 27.68 -17.01 -16.66
CA THR C 154 27.20 -18.32 -17.07
C THR C 154 25.70 -18.41 -16.89
N GLY C 155 25.13 -19.48 -17.43
CA GLY C 155 23.73 -19.76 -17.22
C GLY C 155 22.79 -19.03 -18.13
N LEU C 156 23.25 -18.53 -19.27
CA LEU C 156 22.40 -17.85 -20.24
C LEU C 156 21.73 -18.87 -21.15
N GLU C 157 20.39 -18.90 -21.15
CA GLU C 157 19.62 -19.79 -22.01
C GLU C 157 19.83 -19.43 -23.49
N PRO C 158 20.12 -20.38 -24.36
CA PRO C 158 20.13 -20.08 -25.80
C PRO C 158 18.78 -19.54 -26.28
N GLY C 159 18.84 -18.53 -27.15
CA GLY C 159 17.68 -17.94 -27.77
C GLY C 159 17.10 -16.75 -27.03
N ILE C 160 17.49 -16.54 -25.78
CA ILE C 160 16.91 -15.50 -24.94
C ILE C 160 17.79 -14.25 -24.99
N ASP C 161 17.14 -13.10 -25.09
CA ASP C 161 17.78 -11.80 -25.03
C ASP C 161 18.08 -11.43 -23.57
N TYR C 162 19.31 -11.03 -23.28
CA TYR C 162 19.67 -10.65 -21.92
C TYR C 162 20.18 -9.22 -21.93
N ASP C 163 19.80 -8.49 -20.89
CA ASP C 163 20.44 -7.22 -20.55
C ASP C 163 21.47 -7.52 -19.47
N ILE C 164 22.73 -7.23 -19.75
CA ILE C 164 23.82 -7.46 -18.82
C ILE C 164 24.46 -6.12 -18.49
N SER C 165 24.39 -5.71 -17.23
CA SER C 165 24.83 -4.38 -16.81
C SER C 165 25.88 -4.44 -15.73
N VAL C 166 26.77 -3.43 -15.73
CA VAL C 166 27.75 -3.21 -14.67
C VAL C 166 27.47 -1.84 -14.07
N ILE C 167 27.38 -1.80 -12.74
CA ILE C 167 27.08 -0.59 -11.98
C ILE C 167 28.30 -0.29 -11.14
N THR C 168 28.77 0.96 -11.22
CA THR C 168 29.93 1.42 -10.48
C THR C 168 29.54 1.77 -9.05
N LEU C 169 30.29 1.26 -8.09
CA LEU C 169 30.00 1.45 -6.68
C LEU C 169 31.05 2.35 -6.07
N ILE C 170 30.62 3.32 -5.28
CA ILE C 170 31.47 4.06 -4.37
C ILE C 170 30.86 3.97 -2.97
N ASN C 171 31.55 4.53 -1.99
CA ASN C 171 31.03 4.52 -0.63
C ASN C 171 29.80 5.41 -0.54
N GLY C 172 28.64 4.80 -0.37
CA GLY C 172 27.42 5.56 -0.26
C GLY C 172 26.73 5.88 -1.57
N GLY C 173 27.13 5.26 -2.68
CA GLY C 173 26.46 5.51 -3.93
C GLY C 173 26.67 4.41 -4.95
N GLU C 174 25.82 4.43 -5.96
CA GLU C 174 25.92 3.51 -7.07
C GLU C 174 25.56 4.32 -8.31
N SER C 175 26.20 4.00 -9.42
CA SER C 175 25.99 4.77 -10.63
C SER C 175 24.77 4.26 -11.38
N ALA C 176 24.42 5.01 -12.42
CA ALA C 176 23.54 4.47 -13.44
C ALA C 176 24.20 3.26 -14.10
N PRO C 177 23.44 2.26 -14.51
CA PRO C 177 24.05 1.07 -15.11
C PRO C 177 24.59 1.31 -16.51
N THR C 178 25.72 0.67 -16.81
CA THR C 178 26.23 0.54 -18.17
C THR C 178 25.86 -0.84 -18.69
N THR C 179 25.11 -0.87 -19.80
CA THR C 179 24.37 -2.05 -20.22
C THR C 179 24.72 -2.47 -21.64
N LEU C 180 24.81 -3.78 -21.82
CA LEU C 180 24.86 -4.45 -23.11
C LEU C 180 23.74 -5.46 -23.19
N THR C 181 23.32 -5.78 -24.41
CA THR C 181 22.33 -6.81 -24.66
C THR C 181 23.00 -7.93 -25.42
N GLN C 182 22.61 -9.16 -25.11
CA GLN C 182 23.23 -10.31 -25.73
C GLN C 182 22.16 -11.37 -25.94
N GLN C 183 22.14 -11.94 -27.15
CA GLN C 183 21.25 -13.04 -27.49
C GLN C 183 22.00 -14.00 -28.40
N THR C 184 22.09 -15.26 -27.97
CA THR C 184 22.74 -16.32 -28.75
C THR C 184 21.69 -17.16 -29.44
N ALA C 185 21.77 -17.25 -30.77
CA ALA C 185 20.80 -18.04 -31.51
C ALA C 185 20.93 -19.51 -31.15
N VAL C 186 19.81 -20.23 -31.23
CA VAL C 186 19.88 -21.67 -31.02
C VAL C 186 20.59 -22.29 -32.22
N PRO C 187 21.63 -23.08 -32.00
CA PRO C 187 22.48 -23.51 -33.12
C PRO C 187 21.83 -24.61 -33.94
N PRO C 188 21.92 -24.53 -35.26
CA PRO C 188 21.28 -25.53 -36.13
C PRO C 188 22.05 -26.83 -36.20
N PRO C 189 21.40 -27.90 -36.64
CA PRO C 189 22.13 -29.10 -37.06
C PRO C 189 22.76 -28.87 -38.42
N THR C 190 23.65 -29.80 -38.81
CA THR C 190 24.35 -29.72 -40.08
C THR C 190 24.39 -31.08 -40.78
N ASP C 191 24.88 -31.06 -42.03
CA ASP C 191 25.21 -32.27 -42.80
C ASP C 191 23.98 -33.15 -43.02
N LEU C 192 22.95 -32.54 -43.62
CA LEU C 192 21.72 -33.27 -43.89
C LEU C 192 21.95 -34.24 -45.04
N ARG C 193 21.62 -35.51 -44.79
CA ARG C 193 21.83 -36.56 -45.76
C ARG C 193 20.61 -37.46 -45.89
N PHE C 194 20.42 -37.96 -47.10
CA PHE C 194 19.31 -38.82 -47.46
C PHE C 194 19.85 -40.13 -48.00
N THR C 195 19.39 -41.23 -47.42
CA THR C 195 19.78 -42.58 -47.84
C THR C 195 18.45 -43.29 -48.11
N ASN C 196 18.06 -43.32 -49.39
CA ASN C 196 16.78 -43.88 -49.82
C ASN C 196 16.74 -45.38 -49.58
N ILE C 197 15.81 -45.81 -48.73
CA ILE C 197 15.73 -47.22 -48.33
C ILE C 197 14.70 -47.99 -49.16
N GLY C 198 13.64 -47.31 -49.62
CA GLY C 198 12.63 -47.97 -50.42
C GLY C 198 11.75 -47.07 -51.28
N PRO C 199 10.65 -47.64 -51.79
CA PRO C 199 9.76 -46.90 -52.71
C PRO C 199 8.85 -45.90 -52.00
N ASP C 200 8.56 -46.11 -50.72
CA ASP C 200 7.71 -45.18 -49.98
C ASP C 200 8.40 -44.71 -48.70
N THR C 201 9.73 -44.86 -48.61
CA THR C 201 10.46 -44.64 -47.38
C THR C 201 11.76 -43.89 -47.68
N MET C 202 12.26 -43.21 -46.64
CA MET C 202 13.55 -42.52 -46.66
C MET C 202 14.10 -42.49 -45.26
N ARG C 203 15.43 -42.54 -45.15
CA ARG C 203 16.10 -42.28 -43.90
C ARG C 203 16.71 -40.89 -44.00
N VAL C 204 16.48 -40.06 -42.98
CA VAL C 204 17.01 -38.71 -42.93
C VAL C 204 17.94 -38.63 -41.73
N THR C 205 19.14 -38.11 -41.96
CA THR C 205 20.19 -38.04 -40.95
C THR C 205 20.80 -36.64 -40.92
N TRP C 206 21.36 -36.27 -39.78
CA TRP C 206 22.00 -34.96 -39.62
C TRP C 206 23.04 -35.05 -38.51
N ALA C 207 23.89 -34.01 -38.44
CA ALA C 207 24.84 -33.87 -37.35
C ALA C 207 24.31 -32.86 -36.34
N PRO C 208 24.11 -33.23 -35.06
CA PRO C 208 23.61 -32.25 -34.10
C PRO C 208 24.66 -31.20 -33.80
N PRO C 209 24.26 -30.00 -33.37
CA PRO C 209 25.26 -29.01 -32.96
C PRO C 209 25.98 -29.48 -31.73
N PRO C 210 27.25 -29.12 -31.56
CA PRO C 210 28.02 -29.60 -30.41
C PRO C 210 27.75 -28.79 -29.15
N SER C 211 28.00 -29.45 -28.01
CA SER C 211 28.03 -28.83 -26.68
C SER C 211 26.74 -28.06 -26.35
N ILE C 212 25.58 -28.65 -26.64
CA ILE C 212 24.32 -28.10 -26.17
C ILE C 212 23.29 -29.23 -26.09
N ASP C 213 22.54 -29.26 -24.99
CA ASP C 213 21.44 -30.22 -24.83
C ASP C 213 20.15 -29.52 -25.24
N LEU C 214 19.55 -30.01 -26.33
CA LEU C 214 18.37 -29.39 -26.93
C LEU C 214 17.10 -29.93 -26.29
N THR C 215 15.99 -29.24 -26.56
CA THR C 215 14.69 -29.77 -26.16
C THR C 215 14.26 -30.89 -27.11
N ASN C 216 14.51 -30.70 -28.40
CA ASN C 216 14.15 -31.72 -29.38
C ASN C 216 14.63 -31.23 -30.74
N PHE C 217 14.51 -32.11 -31.73
CA PHE C 217 14.58 -31.72 -33.13
C PHE C 217 13.18 -31.75 -33.70
N LEU C 218 12.92 -30.90 -34.68
CA LEU C 218 11.63 -30.83 -35.35
C LEU C 218 11.86 -31.04 -36.84
N VAL C 219 11.29 -32.11 -37.40
CA VAL C 219 11.46 -32.47 -38.79
C VAL C 219 10.19 -32.09 -39.54
N ARG C 220 10.34 -31.26 -40.57
CA ARG C 220 9.24 -30.86 -41.42
C ARG C 220 9.45 -31.37 -42.83
N TYR C 221 8.46 -32.06 -43.40
CA TYR C 221 8.66 -32.61 -44.71
C TYR C 221 7.35 -32.67 -45.48
N SER C 222 7.46 -32.47 -46.79
CA SER C 222 6.30 -32.48 -47.68
C SER C 222 6.80 -32.72 -49.10
N PRO C 223 5.93 -33.19 -49.99
CA PRO C 223 6.29 -33.21 -51.42
C PRO C 223 6.51 -31.80 -51.95
N VAL C 224 7.51 -31.66 -52.82
CA VAL C 224 7.83 -30.36 -53.40
C VAL C 224 6.59 -29.76 -54.06
N LYS C 225 5.79 -30.60 -54.70
CA LYS C 225 4.68 -30.14 -55.52
C LYS C 225 3.36 -29.98 -54.77
N ASN C 226 3.35 -30.13 -53.44
CA ASN C 226 2.10 -29.90 -52.69
C ASN C 226 2.47 -29.66 -51.22
N GLU C 227 2.58 -28.38 -50.84
CA GLU C 227 3.01 -28.05 -49.49
C GLU C 227 1.95 -28.27 -48.42
N GLU C 228 0.65 -28.15 -48.75
CA GLU C 228 -0.35 -28.30 -47.69
C GLU C 228 -0.33 -29.68 -47.05
N ASP C 229 0.36 -30.65 -47.63
CA ASP C 229 0.42 -31.99 -47.05
C ASP C 229 1.63 -32.19 -46.13
N VAL C 230 2.19 -31.10 -45.60
CA VAL C 230 3.35 -31.20 -44.72
C VAL C 230 3.05 -32.12 -43.54
N ALA C 231 4.03 -32.94 -43.19
CA ALA C 231 4.03 -33.72 -41.97
C ALA C 231 5.15 -33.23 -41.07
N GLU C 232 5.06 -33.57 -39.79
CA GLU C 232 6.04 -33.13 -38.80
C GLU C 232 6.34 -34.27 -37.84
N LEU C 233 7.60 -34.34 -37.40
CA LEU C 233 8.00 -35.28 -36.36
C LEU C 233 8.77 -34.50 -35.30
N SER C 234 8.53 -34.85 -34.05
CA SER C 234 9.30 -34.31 -32.94
C SER C 234 10.24 -35.42 -32.50
N ILE C 235 11.55 -35.13 -32.52
CA ILE C 235 12.60 -36.14 -32.37
C ILE C 235 13.35 -35.89 -31.06
N SER C 236 13.66 -36.98 -30.36
CA SER C 236 14.43 -36.88 -29.13
C SER C 236 15.72 -36.10 -29.38
N PRO C 237 16.13 -35.22 -28.45
CA PRO C 237 17.31 -34.38 -28.71
C PRO C 237 18.61 -35.14 -28.68
N SER C 238 18.62 -36.39 -28.24
CA SER C 238 19.79 -37.25 -28.27
C SER C 238 19.80 -38.15 -29.50
N ASP C 239 18.87 -37.95 -30.43
CA ASP C 239 18.72 -38.73 -31.65
C ASP C 239 19.19 -37.89 -32.83
N ASN C 240 19.75 -38.54 -33.86
CA ASN C 240 20.23 -37.77 -35.00
C ASN C 240 19.73 -38.33 -36.34
N ALA C 241 18.68 -39.14 -36.33
CA ALA C 241 18.16 -39.69 -37.58
C ALA C 241 16.71 -40.09 -37.39
N VAL C 242 16.00 -40.17 -38.51
CA VAL C 242 14.61 -40.62 -38.51
C VAL C 242 14.32 -41.26 -39.87
N VAL C 243 13.46 -42.27 -39.88
CA VAL C 243 13.02 -42.94 -41.10
C VAL C 243 11.60 -42.47 -41.42
N LEU C 244 11.46 -41.79 -42.55
CA LEU C 244 10.16 -41.36 -43.06
C LEU C 244 9.51 -42.49 -43.83
N THR C 245 8.25 -42.79 -43.53
CA THR C 245 7.51 -43.84 -44.20
C THR C 245 6.24 -43.29 -44.83
N ASN C 246 5.60 -44.14 -45.62
CA ASN C 246 4.35 -43.82 -46.29
C ASN C 246 4.51 -42.64 -47.26
N LEU C 247 5.69 -42.49 -47.85
CA LEU C 247 5.91 -41.41 -48.80
C LEU C 247 5.31 -41.77 -50.15
N LEU C 248 5.01 -40.76 -50.92
CA LEU C 248 4.47 -40.99 -52.25
C LEU C 248 5.58 -41.45 -53.20
N PRO C 249 5.29 -42.39 -54.08
CA PRO C 249 6.34 -42.91 -54.96
C PRO C 249 6.76 -41.90 -56.01
N GLY C 250 8.02 -42.02 -56.46
CA GLY C 250 8.54 -41.18 -57.52
C GLY C 250 8.31 -39.70 -57.28
N THR C 251 8.31 -39.31 -56.01
CA THR C 251 7.97 -37.96 -55.56
C THR C 251 9.18 -37.31 -54.90
N GLU C 252 9.42 -36.04 -55.22
CA GLU C 252 10.47 -35.29 -54.55
C GLU C 252 9.89 -34.66 -53.28
N TYR C 253 10.48 -34.99 -52.14
CA TYR C 253 10.12 -34.37 -50.87
C TYR C 253 11.14 -33.33 -50.51
N VAL C 254 10.68 -32.21 -49.94
CA VAL C 254 11.56 -31.25 -49.31
C VAL C 254 11.49 -31.49 -47.80
N VAL C 255 12.66 -31.55 -47.17
CA VAL C 255 12.79 -31.89 -45.76
C VAL C 255 13.54 -30.79 -45.04
N SER C 256 13.06 -30.41 -43.86
CA SER C 256 13.77 -29.45 -43.02
C SER C 256 13.92 -30.05 -41.63
N VAL C 257 15.07 -29.79 -41.01
CA VAL C 257 15.34 -30.20 -39.64
C VAL C 257 15.76 -28.97 -38.85
N SER C 258 15.15 -28.78 -37.68
CA SER C 258 15.44 -27.62 -36.84
C SER C 258 15.81 -28.07 -35.43
N SER C 259 16.83 -27.45 -34.85
CA SER C 259 17.04 -27.60 -33.43
C SER C 259 15.99 -26.79 -32.68
N VAL C 260 15.54 -27.30 -31.54
CA VAL C 260 14.58 -26.59 -30.68
C VAL C 260 15.11 -26.57 -29.25
N TYR C 261 15.19 -25.37 -28.67
CA TYR C 261 15.45 -25.21 -27.25
C TYR C 261 14.41 -24.29 -26.63
N GLU C 262 13.53 -24.88 -25.81
CA GLU C 262 12.49 -24.14 -25.08
C GLU C 262 11.76 -23.12 -25.96
N GLN C 263 11.17 -23.65 -27.04
CA GLN C 263 10.35 -22.92 -28.01
C GLN C 263 11.14 -22.19 -29.09
N HIS C 264 12.43 -22.01 -28.92
CA HIS C 264 13.21 -21.23 -29.87
C HIS C 264 13.87 -22.19 -30.84
N GLU C 265 13.74 -21.91 -32.13
CA GLU C 265 14.22 -22.80 -33.16
C GLU C 265 15.48 -22.22 -33.80
N SER C 266 16.35 -23.12 -34.22
CA SER C 266 17.47 -22.73 -35.06
C SER C 266 16.95 -22.35 -36.44
N THR C 267 17.83 -21.72 -37.23
CA THR C 267 17.57 -21.67 -38.65
C THR C 267 17.41 -23.12 -39.14
N PRO C 268 16.57 -23.36 -40.13
CA PRO C 268 16.33 -24.75 -40.55
C PRO C 268 17.43 -25.29 -41.46
N LEU C 269 17.72 -26.59 -41.31
CA LEU C 269 18.62 -27.34 -42.19
C LEU C 269 17.76 -28.06 -43.24
N ARG C 270 17.84 -27.61 -44.50
CA ARG C 270 16.94 -28.03 -45.56
C ARG C 270 17.66 -28.85 -46.62
N GLY C 271 16.91 -29.74 -47.28
CA GLY C 271 17.35 -30.50 -48.43
C GLY C 271 16.16 -31.06 -49.18
N ARG C 272 16.43 -31.57 -50.38
CA ARG C 272 15.39 -32.15 -51.22
C ARG C 272 15.81 -33.54 -51.64
N GLN C 273 14.83 -34.41 -51.89
CA GLN C 273 15.17 -35.79 -52.21
C GLN C 273 13.99 -36.46 -52.90
N LYS C 274 14.28 -37.18 -54.00
CA LYS C 274 13.27 -37.92 -54.74
C LYS C 274 13.25 -39.38 -54.31
N THR C 275 12.04 -39.92 -54.13
CA THR C 275 11.81 -41.33 -53.82
C THR C 275 11.85 -42.19 -55.08
N MET D 1 12.82 3.52 -15.46
CA MET D 1 12.00 2.64 -14.68
C MET D 1 10.52 3.01 -14.72
N GLN D 2 9.67 2.01 -14.50
CA GLN D 2 8.25 2.23 -14.29
C GLN D 2 7.97 2.16 -12.79
N ILE D 3 7.16 3.09 -12.28
CA ILE D 3 6.73 3.06 -10.90
C ILE D 3 5.20 3.11 -10.79
N PHE D 4 4.69 2.52 -9.72
CA PHE D 4 3.26 2.50 -9.45
C PHE D 4 3.03 3.15 -8.09
N VAL D 5 2.23 4.22 -8.07
CA VAL D 5 1.95 5.01 -6.87
C VAL D 5 0.52 4.71 -6.43
N HIS D 6 0.39 4.10 -5.26
CA HIS D 6 -0.91 3.71 -4.74
C HIS D 6 -1.43 4.79 -3.79
N THR D 7 -2.70 5.15 -3.95
CA THR D 7 -3.28 6.22 -3.17
C THR D 7 -4.25 5.63 -2.16
N ASP D 8 -4.88 6.50 -1.39
CA ASP D 8 -5.76 6.06 -0.32
C ASP D 8 -7.11 5.59 -0.84
N THR D 9 -7.51 6.02 -2.02
CA THR D 9 -8.77 5.57 -2.60
C THR D 9 -8.60 4.30 -3.41
N GLY D 10 -7.40 3.74 -3.44
CA GLY D 10 -7.15 2.50 -4.14
C GLY D 10 -6.69 2.66 -5.56
N LYS D 11 -6.57 3.88 -6.04
CA LYS D 11 -6.10 4.11 -7.38
C LYS D 11 -4.61 3.82 -7.49
N THR D 12 -4.18 3.44 -8.69
CA THR D 12 -2.75 3.28 -8.97
C THR D 12 -2.35 4.26 -10.06
N ILE D 13 -1.40 5.14 -9.74
CA ILE D 13 -0.82 6.05 -10.72
C ILE D 13 0.39 5.39 -11.32
N THR D 14 0.48 5.37 -12.65
CA THR D 14 1.62 4.80 -13.33
C THR D 14 2.54 5.92 -13.78
N LEU D 15 3.85 5.77 -13.52
CA LEU D 15 4.84 6.80 -13.85
C LEU D 15 6.08 6.15 -14.44
N GLU D 16 6.82 6.95 -15.19
CA GLU D 16 8.06 6.52 -15.82
C GLU D 16 9.16 7.47 -15.40
N VAL D 17 10.22 6.95 -14.77
CA VAL D 17 11.24 7.76 -14.11
C VAL D 17 12.61 7.15 -14.37
N GLU D 18 13.65 7.93 -14.07
CA GLU D 18 15.02 7.44 -14.04
C GLU D 18 15.53 7.34 -12.60
N PRO D 19 16.49 6.45 -12.33
CA PRO D 19 16.99 6.33 -10.96
C PRO D 19 17.73 7.55 -10.47
N SER D 20 18.22 8.41 -11.39
CA SER D 20 18.83 9.67 -11.02
C SER D 20 17.81 10.74 -10.59
N ASP D 21 16.51 10.48 -10.74
CA ASP D 21 15.49 11.42 -10.28
C ASP D 21 15.46 11.52 -8.76
N THR D 22 15.18 12.72 -8.29
CA THR D 22 15.02 12.93 -6.87
C THR D 22 13.55 12.70 -6.52
N ILE D 23 13.28 12.55 -5.23
CA ILE D 23 11.89 12.41 -4.79
C ILE D 23 11.07 13.61 -5.25
N GLU D 24 11.66 14.80 -5.19
CA GLU D 24 10.96 15.99 -5.66
C GLU D 24 10.62 15.90 -7.14
N ASN D 25 11.46 15.24 -7.95
CA ASN D 25 11.14 15.06 -9.36
C ASN D 25 9.94 14.14 -9.54
N VAL D 26 9.79 13.15 -8.64
CA VAL D 26 8.65 12.23 -8.75
C VAL D 26 7.36 12.92 -8.37
N LYS D 27 7.40 13.74 -7.31
CA LYS D 27 6.22 14.53 -6.93
C LYS D 27 5.82 15.50 -8.04
N ALA D 28 6.81 16.06 -8.75
CA ALA D 28 6.47 16.93 -9.87
C ALA D 28 5.63 16.18 -10.91
N LYS D 29 5.93 14.90 -11.16
CA LYS D 29 5.15 14.13 -12.12
C LYS D 29 3.75 13.86 -11.62
N ILE D 30 3.60 13.54 -10.34
CA ILE D 30 2.28 13.30 -9.77
C ILE D 30 1.46 14.58 -9.79
N GLN D 31 2.08 15.72 -9.50
CA GLN D 31 1.35 16.99 -9.57
C GLN D 31 0.88 17.28 -10.98
N ASP D 32 1.73 17.02 -11.97
CA ASP D 32 1.37 17.36 -13.33
C ASP D 32 0.16 16.56 -13.80
N LYS D 33 0.05 15.29 -13.40
CA LYS D 33 -1.02 14.44 -13.94
C LYS D 33 -2.30 14.48 -13.12
N GLU D 34 -2.22 14.75 -11.83
CA GLU D 34 -3.36 14.59 -10.93
C GLU D 34 -3.76 15.88 -10.26
N GLY D 35 -3.01 16.96 -10.47
CA GLY D 35 -3.35 18.20 -9.80
C GLY D 35 -3.09 18.19 -8.32
N ILE D 36 -2.45 17.15 -7.80
CA ILE D 36 -2.22 17.06 -6.36
C ILE D 36 -1.05 17.99 -6.05
N PRO D 37 -1.27 19.03 -5.26
CA PRO D 37 -0.17 19.97 -4.98
C PRO D 37 1.03 19.25 -4.38
N GLN D 38 2.21 19.63 -4.86
CA GLN D 38 3.46 19.01 -4.43
C GLN D 38 3.66 19.09 -2.92
N ASP D 39 3.31 20.22 -2.29
CA ASP D 39 3.50 20.36 -0.84
C ASP D 39 2.53 19.51 -0.03
N GLN D 40 1.52 18.95 -0.66
CA GLN D 40 0.59 18.07 0.03
C GLN D 40 0.96 16.59 -0.09
N GLN D 41 2.03 16.25 -0.84
CA GLN D 41 2.38 14.87 -1.14
C GLN D 41 3.48 14.34 -0.22
N ARG D 42 3.27 13.11 0.26
CA ARG D 42 4.28 12.32 0.94
C ARG D 42 4.36 10.97 0.25
N LEU D 43 5.56 10.56 -0.13
CA LEU D 43 5.76 9.31 -0.84
C LEU D 43 6.40 8.30 0.12
N ILE D 44 5.81 7.12 0.19
CA ILE D 44 6.18 6.09 1.15
C ILE D 44 6.63 4.85 0.37
N TRP D 45 7.75 4.28 0.77
CA TRP D 45 8.25 3.04 0.16
C TRP D 45 8.41 2.02 1.28
N ALA D 46 7.71 0.89 1.16
CA ALA D 46 7.79 -0.16 2.16
C ALA D 46 7.59 0.40 3.58
N GLY D 47 6.66 1.34 3.71
CA GLY D 47 6.32 1.89 4.99
C GLY D 47 7.18 3.04 5.46
N LYS D 48 8.30 3.34 4.78
CA LYS D 48 9.14 4.48 5.16
C LYS D 48 9.02 5.62 4.16
N GLN D 49 8.99 6.83 4.69
CA GLN D 49 8.87 8.03 3.87
C GLN D 49 10.20 8.36 3.19
N LEU D 50 10.12 8.67 1.89
CA LEU D 50 11.26 9.09 1.11
C LEU D 50 11.51 10.59 1.27
N GLU D 51 12.79 10.97 1.25
CA GLU D 51 13.21 12.34 1.47
C GLU D 51 13.39 13.08 0.15
N ASP D 52 13.00 14.36 0.14
CA ASP D 52 13.01 15.15 -1.10
C ASP D 52 14.41 15.23 -1.74
N GLY D 53 15.43 15.49 -0.92
CA GLY D 53 16.76 15.71 -1.43
C GLY D 53 17.58 14.47 -1.73
N ARG D 54 16.91 13.35 -2.00
CA ARG D 54 17.60 12.12 -2.38
C ARG D 54 17.14 11.61 -3.73
N THR D 55 18.08 10.98 -4.44
CA THR D 55 17.76 10.30 -5.68
C THR D 55 17.20 8.91 -5.39
N LEU D 56 16.41 8.39 -6.34
CA LEU D 56 15.95 7.02 -6.25
C LEU D 56 17.13 6.06 -6.24
N SER D 57 18.15 6.37 -7.04
CA SER D 57 19.37 5.59 -7.03
C SER D 57 19.96 5.50 -5.63
N ASP D 58 19.84 6.57 -4.84
CA ASP D 58 20.43 6.58 -3.51
C ASP D 58 19.78 5.58 -2.56
N TYR D 59 18.60 5.08 -2.89
CA TYR D 59 18.01 4.01 -2.11
C TYR D 59 18.44 2.63 -2.60
N ASN D 60 19.35 2.61 -3.59
CA ASN D 60 19.94 1.39 -4.17
C ASN D 60 18.84 0.48 -4.71
N ILE D 61 17.80 1.14 -5.25
CA ILE D 61 16.69 0.48 -5.92
C ILE D 61 17.15 -0.17 -7.21
N ASP D 62 16.77 -1.43 -7.41
CA ASP D 62 17.08 -2.14 -8.65
C ASP D 62 16.30 -1.51 -9.80
N PRO D 63 16.96 -0.89 -10.78
CA PRO D 63 16.22 -0.16 -11.82
C PRO D 63 15.46 -1.03 -12.81
N GLN D 64 15.57 -2.35 -12.74
CA GLN D 64 14.78 -3.22 -13.61
C GLN D 64 13.59 -3.82 -12.89
N LEU D 65 13.42 -3.52 -11.61
CA LEU D 65 12.27 -4.03 -10.89
C LEU D 65 11.23 -2.93 -10.78
N LYS D 66 9.97 -3.32 -10.76
CA LYS D 66 8.88 -2.36 -10.61
C LYS D 66 8.81 -1.84 -9.18
N LEU D 67 8.83 -0.53 -9.04
CA LEU D 67 8.80 0.14 -7.76
C LEU D 67 7.36 0.52 -7.42
N HIS D 68 6.90 0.12 -6.24
CA HIS D 68 5.55 0.40 -5.77
C HIS D 68 5.63 1.38 -4.61
N LEU D 69 5.05 2.56 -4.80
CA LEU D 69 5.03 3.61 -3.80
C LEU D 69 3.60 3.81 -3.31
N VAL D 70 3.48 4.36 -2.11
CA VAL D 70 2.22 4.77 -1.53
C VAL D 70 2.24 6.29 -1.45
N LEU D 71 1.17 6.92 -1.92
CA LEU D 71 1.01 8.35 -1.76
C LEU D 71 0.14 8.62 -0.54
N ARG D 72 0.64 9.45 0.35
CA ARG D 72 -0.10 9.91 1.51
C ARG D 72 -0.13 11.43 1.49
N LEU D 73 -1.30 11.99 1.80
CA LEU D 73 -1.50 13.44 1.79
C LEU D 73 -1.07 14.03 3.13
N ARG D 74 -0.32 15.14 3.09
CA ARG D 74 0.11 15.76 4.34
C ARG D 74 -1.06 16.33 5.13
N ALA D 75 -2.22 16.51 4.50
CA ALA D 75 -3.40 16.90 5.26
C ALA D 75 -3.81 15.80 6.23
N ALA D 76 -3.52 14.55 5.88
CA ALA D 76 -3.78 13.39 6.73
C ALA D 76 -2.79 13.23 7.88
N GLY D 77 -1.75 14.06 7.99
CA GLY D 77 -0.84 13.92 9.13
C GLY D 77 -0.09 12.59 9.13
N GLY D 78 0.27 12.14 10.34
CA GLY D 78 1.01 10.92 10.52
C GLY D 78 0.08 9.74 10.76
N MET D 79 0.65 8.65 11.26
CA MET D 79 -0.13 7.43 11.50
C MET D 79 -1.19 7.67 12.57
N GLN D 80 -2.41 7.23 12.31
CA GLN D 80 -3.43 7.16 13.34
C GLN D 80 -3.30 5.82 14.02
N ILE D 81 -2.94 5.83 15.30
CA ILE D 81 -2.76 4.62 16.06
C ILE D 81 -3.67 4.64 17.28
N PHE D 82 -3.75 3.51 17.97
CA PHE D 82 -4.59 3.34 19.13
C PHE D 82 -3.75 2.77 20.27
N VAL D 83 -4.07 3.20 21.49
CA VAL D 83 -3.42 2.73 22.70
C VAL D 83 -4.54 2.30 23.63
N THR D 84 -4.51 1.06 24.09
CA THR D 84 -5.47 0.55 25.05
C THR D 84 -4.81 0.53 26.43
N THR D 85 -5.51 1.07 27.42
CA THR D 85 -4.87 1.29 28.71
C THR D 85 -5.07 0.13 29.68
N GLN D 86 -4.38 0.25 30.81
CA GLN D 86 -4.50 -0.70 31.91
C GLN D 86 -5.98 -0.93 32.26
N THR D 87 -6.74 0.16 32.38
CA THR D 87 -8.16 0.09 32.71
C THR D 87 -9.04 -0.26 31.52
N GLY D 88 -8.59 0.01 30.30
CA GLY D 88 -9.34 -0.29 29.09
C GLY D 88 -9.97 0.86 28.32
N LYS D 89 -9.75 2.12 28.70
CA LYS D 89 -10.17 3.22 27.84
C LYS D 89 -9.14 3.41 26.73
N THR D 90 -9.60 3.40 25.48
CA THR D 90 -8.72 3.51 24.31
C THR D 90 -8.51 4.96 23.92
N ILE D 91 -7.25 5.35 23.68
CA ILE D 91 -6.98 6.68 23.15
C ILE D 91 -6.31 6.54 21.78
N THR D 92 -6.48 7.59 20.96
CA THR D 92 -5.96 7.62 19.61
C THR D 92 -4.91 8.73 19.50
N LEU D 93 -3.79 8.40 18.85
CA LEU D 93 -2.61 9.26 18.75
C LEU D 93 -2.09 9.33 17.32
N GLU D 94 -1.26 10.33 17.03
CA GLU D 94 -0.62 10.53 15.73
C GLU D 94 0.89 10.41 15.88
N VAL D 95 1.51 9.48 15.13
CA VAL D 95 2.94 9.22 15.23
C VAL D 95 3.56 9.18 13.84
N GLU D 96 4.89 9.12 13.81
CA GLU D 96 5.74 8.87 12.65
C GLU D 96 6.56 7.61 12.85
N PRO D 97 6.85 6.87 11.78
CA PRO D 97 7.70 5.68 11.93
C PRO D 97 9.11 6.00 12.41
N SER D 98 9.60 7.20 12.13
CA SER D 98 10.92 7.64 12.59
C SER D 98 10.95 8.13 14.03
N ASP D 99 9.79 8.22 14.71
CA ASP D 99 9.77 8.56 16.12
C ASP D 99 10.43 7.48 16.96
N THR D 100 11.13 7.89 18.01
CA THR D 100 11.66 6.93 18.98
C THR D 100 10.59 6.55 19.99
N ILE D 101 10.80 5.42 20.65
CA ILE D 101 9.84 4.95 21.64
C ILE D 101 9.61 6.00 22.74
N GLU D 102 10.67 6.70 23.18
CA GLU D 102 10.45 7.71 24.20
C GLU D 102 9.69 8.92 23.66
N ASN D 103 9.95 9.33 22.42
CA ASN D 103 9.09 10.31 21.77
C ASN D 103 7.62 9.88 21.88
N VAL D 104 7.32 8.62 21.54
CA VAL D 104 5.95 8.14 21.60
C VAL D 104 5.42 8.26 23.02
N LYS D 105 6.20 7.79 23.99
CA LYS D 105 5.82 7.92 25.39
C LYS D 105 5.67 9.38 25.80
N ALA D 106 6.55 10.25 25.28
CA ALA D 106 6.41 11.68 25.55
C ALA D 106 5.08 12.22 25.02
N LYS D 107 4.69 11.79 23.82
CA LYS D 107 3.40 12.18 23.28
C LYS D 107 2.25 11.65 24.12
N ILE D 108 2.41 10.47 24.70
CA ILE D 108 1.41 9.94 25.62
C ILE D 108 1.38 10.75 26.91
N GLN D 109 2.54 11.16 27.42
CA GLN D 109 2.58 12.10 28.54
C GLN D 109 1.92 13.42 28.18
N ASP D 110 2.13 13.86 26.94
CA ASP D 110 1.54 15.10 26.41
C ASP D 110 0.02 15.09 26.52
N LYS D 111 -0.61 13.96 26.21
CA LYS D 111 -2.05 13.82 26.17
C LYS D 111 -2.67 13.35 27.47
N GLU D 112 -1.96 12.49 28.22
CA GLU D 112 -2.55 11.81 29.36
C GLU D 112 -1.84 12.08 30.67
N GLY D 113 -0.68 12.73 30.65
CA GLY D 113 0.00 13.05 31.89
C GLY D 113 0.69 11.90 32.59
N ILE D 114 0.87 10.77 31.93
CA ILE D 114 1.59 9.63 32.51
C ILE D 114 3.07 9.80 32.18
N PRO D 115 3.93 10.06 33.16
CA PRO D 115 5.35 10.20 32.86
C PRO D 115 5.88 8.94 32.21
N PRO D 116 6.84 9.08 31.28
CA PRO D 116 7.32 7.89 30.56
C PRO D 116 7.90 6.82 31.46
N ASP D 117 8.41 7.19 32.66
CA ASP D 117 9.00 6.18 33.52
C ASP D 117 7.98 5.16 33.99
N GLN D 118 6.68 5.46 33.87
CA GLN D 118 5.64 4.50 34.20
C GLN D 118 5.22 3.65 33.02
N GLN D 119 5.67 3.99 31.82
CA GLN D 119 5.09 3.44 30.61
C GLN D 119 5.91 2.29 30.09
N ARG D 120 5.22 1.17 29.82
CA ARG D 120 5.76 0.04 29.11
C ARG D 120 4.88 -0.16 27.88
N LEU D 121 5.47 0.01 26.70
CA LEU D 121 4.73 -0.05 25.44
C LEU D 121 4.93 -1.43 24.82
N ILE D 122 3.82 -2.14 24.59
CA ILE D 122 3.83 -3.49 24.03
C ILE D 122 3.11 -3.45 22.69
N TRP D 123 3.71 -4.11 21.69
CA TRP D 123 3.11 -4.27 20.38
C TRP D 123 3.09 -5.77 20.07
N ALA D 124 1.90 -6.37 20.10
CA ALA D 124 1.72 -7.79 19.79
C ALA D 124 2.69 -8.68 20.58
N GLY D 125 2.81 -8.39 21.87
CA GLY D 125 3.62 -9.17 22.80
C GLY D 125 5.04 -8.71 23.00
N LYS D 126 5.47 -7.64 22.32
CA LYS D 126 6.87 -7.23 22.39
C LYS D 126 6.99 -5.83 23.00
N GLN D 127 7.72 -5.72 24.09
CA GLN D 127 7.99 -4.41 24.68
C GLN D 127 8.81 -3.58 23.72
N LEU D 128 8.43 -2.33 23.56
CA LEU D 128 9.16 -1.40 22.73
C LEU D 128 10.22 -0.69 23.58
N GLU D 129 11.47 -0.73 23.14
CA GLU D 129 12.62 -0.26 23.90
C GLU D 129 12.93 1.19 23.55
N ASP D 130 13.27 1.98 24.56
CA ASP D 130 13.46 3.42 24.37
C ASP D 130 14.55 3.76 23.35
N GLY D 131 15.66 3.03 23.34
CA GLY D 131 16.70 3.46 22.41
C GLY D 131 16.41 3.33 20.92
N ARG D 132 15.26 2.77 20.53
CA ARG D 132 14.98 2.52 19.12
C ARG D 132 13.79 3.35 18.64
N THR D 133 13.57 3.32 17.33
CA THR D 133 12.41 3.95 16.74
C THR D 133 11.35 2.93 16.35
N LEU D 134 10.12 3.43 16.14
CA LEU D 134 9.07 2.57 15.61
C LEU D 134 9.51 1.89 14.32
N SER D 135 10.19 2.64 13.44
CA SER D 135 10.72 2.08 12.20
C SER D 135 11.59 0.84 12.45
N ASP D 136 12.39 0.85 13.51
CA ASP D 136 13.28 -0.29 13.79
C ASP D 136 12.50 -1.58 14.07
N TYR D 137 11.27 -1.48 14.56
CA TYR D 137 10.47 -2.67 14.76
C TYR D 137 9.59 -2.99 13.56
N ASN D 138 9.78 -2.28 12.44
CA ASN D 138 8.86 -2.30 11.31
C ASN D 138 7.46 -1.84 11.72
N ILE D 139 7.36 -0.89 12.65
CA ILE D 139 6.11 -0.20 12.91
C ILE D 139 6.13 1.03 12.03
N ASP D 140 5.36 1.01 10.95
CA ASP D 140 5.46 2.05 9.96
C ASP D 140 4.12 2.18 9.25
N TYR D 141 4.12 2.96 8.17
CA TYR D 141 2.89 3.31 7.46
C TYR D 141 2.16 2.12 6.88
N ARG D 142 2.76 0.93 6.85
CA ARG D 142 2.05 -0.23 6.35
C ARG D 142 0.97 -0.70 7.31
N PHE D 143 1.06 -0.33 8.58
CA PHE D 143 0.05 -0.70 9.55
C PHE D 143 -1.08 0.33 9.54
N LEU D 144 -2.23 -0.08 8.99
CA LEU D 144 -3.40 0.77 8.89
C LEU D 144 -4.16 0.81 10.20
N HIS D 145 -4.03 -0.22 11.04
CA HIS D 145 -4.71 -0.21 12.32
C HIS D 145 -3.75 -0.71 13.38
N LEU D 146 -2.89 0.19 13.87
CA LEU D 146 -1.85 -0.15 14.82
C LEU D 146 -2.35 0.05 16.25
N VAL D 147 -2.20 -0.98 17.07
CA VAL D 147 -2.62 -0.95 18.47
C VAL D 147 -1.43 -1.23 19.35
N LEU D 148 -1.13 -0.31 20.27
CA LEU D 148 -0.12 -0.49 21.28
C LEU D 148 -0.78 -0.72 22.63
N ARG D 149 -0.19 -1.61 23.43
CA ARG D 149 -0.73 -1.95 24.74
C ARG D 149 0.04 -1.19 25.81
N LEU D 150 -0.68 -0.48 26.67
CA LEU D 150 -0.08 0.31 27.74
C LEU D 150 -0.10 -0.52 29.02
N ARG D 151 1.10 -0.84 29.52
CA ARG D 151 1.26 -1.70 30.68
C ARG D 151 2.33 -1.13 31.58
N ALA D 152 2.50 -1.76 32.74
CA ALA D 152 3.58 -1.41 33.65
C ALA D 152 4.60 -2.51 33.83
N ALA D 153 4.25 -3.76 33.52
CA ALA D 153 5.18 -4.88 33.64
C ALA D 153 5.17 -5.70 32.34
N MET E 1 -20.21 -9.14 -0.11
CA MET E 1 -20.11 -7.87 0.62
C MET E 1 -21.46 -7.15 0.73
N GLN E 2 -21.60 -6.34 1.76
CA GLN E 2 -22.81 -5.59 1.97
C GLN E 2 -22.69 -4.21 1.35
N ILE E 3 -23.77 -3.76 0.73
CA ILE E 3 -23.87 -2.42 0.20
C ILE E 3 -25.00 -1.74 0.94
N PHE E 4 -24.84 -0.44 1.17
CA PHE E 4 -25.87 0.40 1.78
C PHE E 4 -26.13 1.56 0.84
N VAL E 5 -27.35 1.68 0.35
CA VAL E 5 -27.68 2.71 -0.63
C VAL E 5 -28.50 3.78 0.07
N HIS E 6 -27.93 4.97 0.18
CA HIS E 6 -28.60 6.07 0.87
C HIS E 6 -29.33 6.93 -0.15
N THR E 7 -30.60 7.23 0.14
CA THR E 7 -31.44 7.93 -0.81
C THR E 7 -31.61 9.37 -0.36
N ASP E 8 -32.32 10.17 -1.17
CA ASP E 8 -32.36 11.60 -0.88
C ASP E 8 -33.28 11.92 0.28
N THR E 9 -34.21 11.02 0.62
CA THR E 9 -35.10 11.19 1.77
C THR E 9 -34.53 10.61 3.06
N GLY E 10 -33.30 10.09 3.06
CA GLY E 10 -32.71 9.55 4.27
C GLY E 10 -32.86 8.06 4.44
N LYS E 11 -33.50 7.38 3.50
CA LYS E 11 -33.67 5.93 3.55
C LYS E 11 -32.36 5.22 3.23
N THR E 12 -32.20 4.00 3.76
CA THR E 12 -31.05 3.15 3.45
C THR E 12 -31.55 1.82 2.93
N ILE E 13 -31.19 1.50 1.69
CA ILE E 13 -31.50 0.21 1.07
C ILE E 13 -30.28 -0.68 1.21
N THR E 14 -30.46 -1.89 1.69
CA THR E 14 -29.36 -2.84 1.87
C THR E 14 -29.38 -3.92 0.79
N LEU E 15 -28.18 -4.25 0.31
CA LEU E 15 -27.98 -5.30 -0.68
C LEU E 15 -26.77 -6.12 -0.30
N GLU E 16 -26.71 -7.32 -0.84
CA GLU E 16 -25.57 -8.20 -0.67
C GLU E 16 -25.18 -8.69 -2.04
N VAL E 17 -23.93 -8.42 -2.45
CA VAL E 17 -23.47 -8.63 -3.82
C VAL E 17 -22.05 -9.17 -3.78
N GLU E 18 -21.55 -9.59 -4.96
CA GLU E 18 -20.17 -10.01 -5.19
C GLU E 18 -19.40 -8.91 -5.91
N PRO E 19 -18.07 -8.89 -5.76
CA PRO E 19 -17.30 -7.84 -6.44
C PRO E 19 -17.36 -7.93 -7.95
N SER E 20 -17.71 -9.10 -8.51
CA SER E 20 -17.92 -9.25 -9.95
C SER E 20 -19.25 -8.67 -10.41
N ASP E 21 -20.13 -8.29 -9.49
CA ASP E 21 -21.42 -7.78 -9.90
C ASP E 21 -21.26 -6.38 -10.51
N THR E 22 -22.08 -6.11 -11.49
CA THR E 22 -22.00 -4.87 -12.21
C THR E 22 -22.88 -3.81 -11.54
N ILE E 23 -22.62 -2.55 -11.89
CA ILE E 23 -23.41 -1.44 -11.36
C ILE E 23 -24.86 -1.60 -11.75
N GLU E 24 -25.11 -1.83 -13.05
CA GLU E 24 -26.47 -1.95 -13.55
C GLU E 24 -27.22 -3.13 -12.92
N ASN E 25 -26.51 -4.14 -12.40
CA ASN E 25 -27.18 -5.19 -11.63
C ASN E 25 -27.65 -4.68 -10.26
N VAL E 26 -26.95 -3.68 -9.69
CA VAL E 26 -27.34 -3.08 -8.41
C VAL E 26 -28.57 -2.18 -8.58
N LYS E 27 -28.61 -1.43 -9.67
CA LYS E 27 -29.78 -0.63 -9.98
C LYS E 27 -31.00 -1.52 -10.15
N ALA E 28 -30.79 -2.67 -10.80
CA ALA E 28 -31.89 -3.63 -11.03
C ALA E 28 -32.50 -4.08 -9.71
N LYS E 29 -31.67 -4.30 -8.70
CA LYS E 29 -32.18 -4.71 -7.40
C LYS E 29 -32.85 -3.54 -6.67
N ILE E 30 -32.35 -2.31 -6.85
CA ILE E 30 -33.04 -1.15 -6.32
C ILE E 30 -34.39 -0.96 -6.99
N GLN E 31 -34.50 -1.31 -8.28
CA GLN E 31 -35.78 -1.18 -8.96
C GLN E 31 -36.84 -2.09 -8.33
N ASP E 32 -36.48 -3.35 -8.05
CA ASP E 32 -37.45 -4.29 -7.52
C ASP E 32 -37.96 -3.84 -6.17
N LYS E 33 -37.09 -3.24 -5.36
CA LYS E 33 -37.41 -2.93 -3.97
C LYS E 33 -38.06 -1.56 -3.80
N GLU E 34 -37.84 -0.62 -4.73
CA GLU E 34 -38.39 0.73 -4.64
C GLU E 34 -39.24 1.16 -5.83
N GLY E 35 -39.35 0.36 -6.89
CA GLY E 35 -40.10 0.77 -8.06
C GLY E 35 -39.49 1.87 -8.92
N ILE E 36 -38.26 2.29 -8.63
CA ILE E 36 -37.60 3.33 -9.42
C ILE E 36 -36.97 2.70 -10.66
N PRO E 37 -37.37 3.09 -11.87
CA PRO E 37 -36.81 2.47 -13.07
C PRO E 37 -35.29 2.56 -13.11
N GLN E 38 -34.69 1.50 -13.63
CA GLN E 38 -33.24 1.42 -13.73
C GLN E 38 -32.69 2.64 -14.46
N ASP E 39 -33.36 3.08 -15.51
CA ASP E 39 -32.81 4.22 -16.25
C ASP E 39 -32.96 5.53 -15.51
N GLN E 40 -33.76 5.60 -14.43
CA GLN E 40 -33.79 6.83 -13.66
C GLN E 40 -32.74 6.89 -12.58
N GLN E 41 -31.97 5.82 -12.39
CA GLN E 41 -31.09 5.73 -11.24
C GLN E 41 -29.68 6.20 -11.56
N ARG E 42 -29.12 6.96 -10.63
CA ARG E 42 -27.70 7.27 -10.64
C ARG E 42 -27.15 6.88 -9.29
N LEU E 43 -26.11 6.06 -9.29
CA LEU E 43 -25.45 5.57 -8.09
C LEU E 43 -24.13 6.30 -7.94
N ILE E 44 -23.91 6.88 -6.76
CA ILE E 44 -22.77 7.76 -6.52
C ILE E 44 -21.92 7.14 -5.44
N TRP E 45 -20.62 7.01 -5.70
CA TRP E 45 -19.68 6.48 -4.72
C TRP E 45 -18.61 7.53 -4.49
N ALA E 46 -18.48 7.95 -3.24
CA ALA E 46 -17.56 9.02 -2.86
C ALA E 46 -17.79 10.27 -3.71
N GLY E 47 -19.05 10.59 -3.99
CA GLY E 47 -19.33 11.79 -4.74
C GLY E 47 -19.23 11.64 -6.25
N LYS E 48 -18.78 10.50 -6.74
CA LYS E 48 -18.60 10.20 -8.16
C LYS E 48 -19.64 9.18 -8.67
N GLN E 49 -20.13 9.37 -9.88
CA GLN E 49 -21.10 8.44 -10.42
C GLN E 49 -20.44 7.14 -10.93
N LEU E 50 -21.03 6.00 -10.57
CA LEU E 50 -20.56 4.72 -11.09
C LEU E 50 -21.23 4.44 -12.43
N GLU E 51 -20.44 3.93 -13.38
CA GLU E 51 -20.91 3.67 -14.73
C GLU E 51 -21.28 2.21 -14.96
N ASP E 52 -22.28 2.00 -15.80
CA ASP E 52 -22.73 0.67 -16.16
C ASP E 52 -21.64 -0.09 -16.91
N GLY E 53 -21.71 -1.42 -16.84
CA GLY E 53 -20.75 -2.30 -17.49
C GLY E 53 -19.41 -2.40 -16.82
N ARG E 54 -19.30 -1.96 -15.58
CA ARG E 54 -18.09 -2.13 -14.79
C ARG E 54 -18.43 -2.94 -13.56
N THR E 55 -17.49 -3.75 -13.12
CA THR E 55 -17.70 -4.42 -11.86
C THR E 55 -17.32 -3.47 -10.73
N LEU E 56 -17.80 -3.79 -9.53
CA LEU E 56 -17.36 -3.04 -8.35
C LEU E 56 -15.85 -3.15 -8.16
N SER E 57 -15.29 -4.34 -8.37
CA SER E 57 -13.84 -4.52 -8.31
C SER E 57 -13.09 -3.58 -9.26
N ASP E 58 -13.69 -3.27 -10.42
CA ASP E 58 -13.05 -2.35 -11.35
C ASP E 58 -12.95 -0.93 -10.79
N TYR E 59 -13.73 -0.59 -9.76
CA TYR E 59 -13.60 0.70 -9.07
C TYR E 59 -12.65 0.66 -7.89
N ASN E 60 -12.00 -0.47 -7.63
CA ASN E 60 -11.06 -0.63 -6.52
C ASN E 60 -11.80 -0.52 -5.20
N ILE E 61 -13.04 -1.00 -5.19
CA ILE E 61 -13.78 -1.11 -3.95
C ILE E 61 -13.23 -2.29 -3.17
N ASP E 62 -12.89 -2.03 -1.92
CA ASP E 62 -12.37 -3.04 -1.03
C ASP E 62 -13.50 -3.98 -0.59
N PRO E 63 -13.50 -5.26 -0.98
CA PRO E 63 -14.66 -6.11 -0.66
C PRO E 63 -14.79 -6.53 0.80
N GLN E 64 -13.88 -6.18 1.70
CA GLN E 64 -14.05 -6.55 3.10
C GLN E 64 -14.68 -5.42 3.91
N LEU E 65 -14.88 -4.27 3.28
CA LEU E 65 -15.52 -3.13 3.91
C LEU E 65 -16.96 -3.02 3.43
N LYS E 66 -17.79 -2.38 4.25
CA LYS E 66 -19.15 -2.07 3.84
C LYS E 66 -19.12 -0.95 2.82
N LEU E 67 -19.81 -1.14 1.70
CA LEU E 67 -19.85 -0.14 0.64
C LEU E 67 -21.08 0.75 0.84
N HIS E 68 -20.85 2.06 0.90
CA HIS E 68 -21.88 3.07 1.11
C HIS E 68 -22.02 3.92 -0.14
N LEU E 69 -23.19 3.86 -0.78
CA LEU E 69 -23.50 4.52 -2.05
C LEU E 69 -24.60 5.55 -1.83
N VAL E 70 -24.69 6.54 -2.72
CA VAL E 70 -25.82 7.47 -2.71
C VAL E 70 -26.63 7.24 -3.99
N LEU E 71 -27.95 7.16 -3.85
CA LEU E 71 -28.86 7.10 -4.99
C LEU E 71 -29.38 8.51 -5.27
N ARG E 72 -29.26 8.93 -6.51
CA ARG E 72 -29.80 10.20 -6.99
C ARG E 72 -30.59 9.92 -8.26
N LEU E 73 -31.76 10.52 -8.40
CA LEU E 73 -32.54 10.27 -9.61
C LEU E 73 -32.12 11.19 -10.75
N ARG E 74 -32.14 10.64 -11.97
CA ARG E 74 -31.83 11.49 -13.13
C ARG E 74 -32.71 12.73 -13.13
N ALA E 75 -33.94 12.61 -12.65
CA ALA E 75 -34.83 13.76 -12.60
C ALA E 75 -34.31 14.86 -11.69
N ALA E 76 -33.47 14.54 -10.70
CA ALA E 76 -32.92 15.60 -9.87
C ALA E 76 -31.88 16.48 -10.60
N GLY E 77 -31.25 15.98 -11.66
CA GLY E 77 -30.33 16.78 -12.44
C GLY E 77 -28.93 16.58 -11.92
N GLY E 78 -28.04 17.52 -12.24
CA GLY E 78 -26.66 17.45 -11.80
C GLY E 78 -26.48 18.24 -10.53
N MET E 79 -25.21 18.43 -10.14
CA MET E 79 -24.94 19.24 -8.96
C MET E 79 -25.43 20.64 -9.22
N GLN E 80 -26.25 21.16 -8.31
CA GLN E 80 -26.63 22.56 -8.35
C GLN E 80 -25.67 23.34 -7.45
N ILE E 81 -24.86 24.21 -8.04
CA ILE E 81 -23.91 25.00 -7.27
C ILE E 81 -24.26 26.48 -7.48
N PHE E 82 -23.63 27.32 -6.68
CA PHE E 82 -23.94 28.74 -6.71
C PHE E 82 -22.66 29.52 -6.95
N VAL E 83 -22.79 30.61 -7.70
CA VAL E 83 -21.70 31.52 -7.99
C VAL E 83 -22.18 32.92 -7.67
N THR E 84 -21.45 33.62 -6.81
CA THR E 84 -21.75 35.00 -6.47
C THR E 84 -20.78 35.91 -7.23
N THR E 85 -21.31 36.99 -7.79
CA THR E 85 -20.57 37.80 -8.72
C THR E 85 -19.80 38.91 -8.00
N GLN E 86 -19.01 39.65 -8.78
CA GLN E 86 -18.31 40.84 -8.30
C GLN E 86 -19.23 41.69 -7.45
N THR E 87 -20.49 41.88 -7.90
CA THR E 87 -21.48 42.67 -7.18
C THR E 87 -22.21 41.92 -6.07
N GLY E 88 -22.19 40.60 -6.04
CA GLY E 88 -22.92 39.89 -5.00
C GLY E 88 -24.21 39.23 -5.46
N LYS E 89 -24.50 39.23 -6.76
CA LYS E 89 -25.63 38.48 -7.31
C LYS E 89 -25.31 36.99 -7.33
N THR E 90 -26.24 36.19 -6.81
CA THR E 90 -26.11 34.75 -6.80
C THR E 90 -26.71 34.17 -8.07
N ILE E 91 -25.94 33.34 -8.78
CA ILE E 91 -26.46 32.62 -9.93
C ILE E 91 -26.35 31.13 -9.66
N THR E 92 -27.11 30.35 -10.42
CA THR E 92 -27.22 28.92 -10.26
C THR E 92 -26.62 28.23 -11.47
N LEU E 93 -25.83 27.20 -11.22
CA LEU E 93 -25.24 26.42 -12.28
C LEU E 93 -25.52 24.96 -12.00
N GLU E 94 -25.59 24.16 -13.06
CA GLU E 94 -25.73 22.73 -12.94
C GLU E 94 -24.50 22.11 -13.60
N VAL E 95 -23.72 21.36 -12.83
CA VAL E 95 -22.45 20.83 -13.29
C VAL E 95 -22.37 19.36 -12.94
N GLU E 96 -21.34 18.69 -13.46
CA GLU E 96 -20.95 17.35 -13.08
C GLU E 96 -19.53 17.36 -12.53
N PRO E 97 -19.20 16.46 -11.61
CA PRO E 97 -17.84 16.50 -11.05
C PRO E 97 -16.75 16.34 -12.11
N SER E 98 -17.05 15.70 -13.24
CA SER E 98 -16.09 15.59 -14.33
C SER E 98 -16.00 16.84 -15.19
N ASP E 99 -16.78 17.89 -14.94
CA ASP E 99 -16.62 19.13 -15.69
C ASP E 99 -15.26 19.76 -15.43
N THR E 100 -14.69 20.35 -16.47
CA THR E 100 -13.49 21.13 -16.25
C THR E 100 -13.84 22.54 -15.79
N ILE E 101 -12.85 23.17 -15.14
CA ILE E 101 -12.99 24.54 -14.70
C ILE E 101 -13.39 25.44 -15.87
N GLU E 102 -12.87 25.17 -17.07
CA GLU E 102 -13.25 25.98 -18.22
C GLU E 102 -14.69 25.70 -18.64
N ASN E 103 -15.13 24.42 -18.63
CA ASN E 103 -16.55 24.10 -18.79
C ASN E 103 -17.39 24.96 -17.84
N VAL E 104 -16.99 25.01 -16.58
CA VAL E 104 -17.72 25.78 -15.59
C VAL E 104 -17.74 27.26 -15.98
N LYS E 105 -16.58 27.82 -16.36
CA LYS E 105 -16.55 29.21 -16.79
C LYS E 105 -17.40 29.43 -18.04
N ALA E 106 -17.39 28.46 -18.96
CA ALA E 106 -18.24 28.58 -20.14
C ALA E 106 -19.72 28.73 -19.76
N LYS E 107 -20.18 27.96 -18.76
CA LYS E 107 -21.56 28.05 -18.30
C LYS E 107 -21.86 29.43 -17.71
N ILE E 108 -20.93 29.98 -16.93
CA ILE E 108 -21.13 31.30 -16.35
C ILE E 108 -21.24 32.33 -17.45
N GLN E 109 -20.40 32.23 -18.49
CA GLN E 109 -20.56 33.09 -19.65
C GLN E 109 -21.92 32.90 -20.33
N ASP E 110 -22.38 31.64 -20.44
CA ASP E 110 -23.69 31.39 -21.04
C ASP E 110 -24.78 32.14 -20.29
N LYS E 111 -24.72 32.16 -18.96
CA LYS E 111 -25.76 32.85 -18.22
C LYS E 111 -25.49 34.33 -17.99
N GLU E 112 -24.21 34.77 -17.84
CA GLU E 112 -23.94 36.13 -17.42
C GLU E 112 -23.17 36.98 -18.41
N GLY E 113 -22.65 36.40 -19.49
CA GLY E 113 -21.93 37.16 -20.50
C GLY E 113 -20.53 37.56 -20.12
N ILE E 114 -19.96 36.98 -19.07
CA ILE E 114 -18.60 37.30 -18.63
C ILE E 114 -17.64 36.39 -19.40
N PRO E 115 -16.75 36.94 -20.23
CA PRO E 115 -15.82 36.09 -20.95
C PRO E 115 -15.03 35.23 -19.97
N PRO E 116 -14.75 33.99 -20.32
CA PRO E 116 -14.05 33.13 -19.36
C PRO E 116 -12.68 33.64 -18.97
N ASP E 117 -12.00 34.40 -19.86
CA ASP E 117 -10.69 34.94 -19.49
C ASP E 117 -10.80 36.07 -18.47
N GLN E 118 -11.99 36.64 -18.27
CA GLN E 118 -12.22 37.65 -17.23
C GLN E 118 -12.65 37.05 -15.90
N GLN E 119 -12.80 35.72 -15.82
CA GLN E 119 -13.37 35.04 -14.67
C GLN E 119 -12.28 34.46 -13.77
N ARG E 120 -12.33 34.83 -12.50
CA ARG E 120 -11.48 34.26 -11.46
C ARG E 120 -12.43 33.55 -10.49
N LEU E 121 -12.39 32.21 -10.46
CA LEU E 121 -13.29 31.40 -9.62
C LEU E 121 -12.56 30.91 -8.38
N ILE E 122 -13.08 31.26 -7.20
CA ILE E 122 -12.49 30.88 -5.91
C ILE E 122 -13.46 29.97 -5.19
N TRP E 123 -12.94 28.88 -4.62
CA TRP E 123 -13.75 27.94 -3.83
C TRP E 123 -13.20 27.89 -2.42
N ALA E 124 -13.94 28.48 -1.47
CA ALA E 124 -13.57 28.43 -0.05
C ALA E 124 -12.11 28.84 0.14
N GLY E 125 -11.69 29.89 -0.56
CA GLY E 125 -10.36 30.44 -0.43
C GLY E 125 -9.32 29.89 -1.40
N LYS E 126 -9.69 28.97 -2.28
CA LYS E 126 -8.73 28.35 -3.21
C LYS E 126 -9.15 28.65 -4.63
N GLN E 127 -8.27 29.27 -5.41
CA GLN E 127 -8.58 29.55 -6.81
C GLN E 127 -8.67 28.25 -7.61
N LEU E 128 -9.72 28.11 -8.40
CA LEU E 128 -9.90 26.95 -9.24
C LEU E 128 -9.21 27.27 -10.56
N GLU E 129 -8.28 26.40 -10.98
CA GLU E 129 -7.38 26.67 -12.09
C GLU E 129 -7.83 25.96 -13.36
N ASP E 130 -7.65 26.63 -14.49
CA ASP E 130 -7.97 26.02 -15.77
C ASP E 130 -7.10 24.78 -15.96
N GLY E 131 -7.62 23.80 -16.68
CA GLY E 131 -6.90 22.56 -16.89
C GLY E 131 -7.19 21.48 -15.87
N ARG E 132 -8.04 21.77 -14.88
CA ARG E 132 -8.38 20.82 -13.85
C ARG E 132 -9.87 20.51 -13.96
N THR E 133 -10.31 19.46 -13.30
CA THR E 133 -11.74 19.22 -13.17
C THR E 133 -12.15 19.56 -11.75
N LEU E 134 -13.45 19.74 -11.56
CA LEU E 134 -13.99 19.91 -10.22
C LEU E 134 -13.55 18.75 -9.33
N SER E 135 -13.62 17.53 -9.86
CA SER E 135 -13.20 16.34 -9.13
C SER E 135 -11.81 16.47 -8.57
N ASP E 136 -10.89 17.10 -9.33
CA ASP E 136 -9.51 17.22 -8.89
C ASP E 136 -9.42 17.99 -7.58
N TYR E 137 -10.37 18.90 -7.33
CA TYR E 137 -10.44 19.61 -6.07
C TYR E 137 -11.33 18.91 -5.08
N ASN E 138 -11.81 17.71 -5.40
CA ASN E 138 -12.79 16.99 -4.60
C ASN E 138 -14.09 17.77 -4.46
N ILE E 139 -14.46 18.48 -5.52
CA ILE E 139 -15.79 19.08 -5.62
C ILE E 139 -16.66 18.07 -6.34
N ASP E 140 -17.57 17.44 -5.62
CA ASP E 140 -18.37 16.36 -6.18
C ASP E 140 -19.71 16.32 -5.44
N TYR E 141 -20.52 15.28 -5.68
CA TYR E 141 -21.89 15.22 -5.14
C TYR E 141 -21.94 15.21 -3.63
N ARG E 142 -20.83 15.06 -2.93
CA ARG E 142 -20.87 15.12 -1.47
C ARG E 142 -21.07 16.54 -0.96
N PHE E 143 -20.78 17.55 -1.78
CA PHE E 143 -21.03 18.95 -1.42
C PHE E 143 -22.46 19.31 -1.81
N LEU E 144 -23.30 19.49 -0.80
CA LEU E 144 -24.72 19.71 -0.97
C LEU E 144 -25.06 21.17 -1.27
N HIS E 145 -24.22 22.11 -0.85
CA HIS E 145 -24.44 23.56 -1.08
C HIS E 145 -23.11 24.25 -1.36
N LEU E 146 -22.62 24.16 -2.59
CA LEU E 146 -21.32 24.70 -2.97
C LEU E 146 -21.44 26.11 -3.53
N VAL E 147 -20.60 27.02 -3.05
CA VAL E 147 -20.59 28.42 -3.49
C VAL E 147 -19.21 28.80 -4.01
N LEU E 148 -19.16 29.27 -5.25
CA LEU E 148 -17.95 29.81 -5.87
C LEU E 148 -18.05 31.33 -5.90
N ARG E 149 -16.93 32.01 -5.68
CA ARG E 149 -16.86 33.46 -5.68
C ARG E 149 -16.22 33.94 -6.97
N LEU E 150 -16.90 34.87 -7.64
CA LEU E 150 -16.42 35.44 -8.88
C LEU E 150 -15.74 36.76 -8.61
N ARG E 151 -14.69 37.02 -9.39
CA ARG E 151 -14.18 38.35 -9.68
C ARG E 151 -13.25 38.12 -10.88
N MET F 1 39.01 -4.20 8.37
CA MET F 1 38.67 -4.03 6.96
C MET F 1 37.24 -3.56 6.82
N GLN F 2 36.94 -2.95 5.68
CA GLN F 2 35.59 -2.48 5.39
C GLN F 2 34.83 -3.53 4.60
N ILE F 3 33.60 -3.80 5.01
CA ILE F 3 32.73 -4.69 4.25
C ILE F 3 31.44 -3.93 3.92
N PHE F 4 30.87 -4.28 2.78
CA PHE F 4 29.67 -3.65 2.25
C PHE F 4 28.62 -4.73 2.13
N VAL F 5 27.49 -4.52 2.81
CA VAL F 5 26.42 -5.50 2.86
C VAL F 5 25.28 -4.98 1.99
N HIS F 6 25.04 -5.67 0.89
CA HIS F 6 24.02 -5.29 -0.07
C HIS F 6 22.72 -6.01 0.26
N THR F 7 21.64 -5.23 0.38
CA THR F 7 20.29 -5.72 0.65
C THR F 7 19.34 -5.29 -0.44
N ASP F 8 18.12 -5.80 -0.35
CA ASP F 8 17.03 -5.38 -1.22
C ASP F 8 16.18 -4.28 -0.59
N THR F 9 16.29 -4.07 0.72
CA THR F 9 15.45 -3.13 1.45
C THR F 9 15.98 -1.69 1.54
N GLY F 10 17.12 -1.36 0.92
CA GLY F 10 17.61 0.01 1.01
C GLY F 10 19.06 0.14 0.59
N LYS F 11 19.70 1.22 1.03
CA LYS F 11 21.10 1.41 0.65
C LYS F 11 22.01 0.44 1.43
N THR F 12 23.10 0.06 0.77
CA THR F 12 24.13 -0.83 1.28
C THR F 12 24.59 -0.47 2.69
N ILE F 13 24.68 -1.48 3.56
CA ILE F 13 25.13 -1.28 4.93
C ILE F 13 26.65 -1.35 4.97
N THR F 14 27.28 -0.34 5.55
CA THR F 14 28.72 -0.26 5.65
C THR F 14 29.14 -0.67 7.05
N LEU F 15 30.12 -1.56 7.14
CA LEU F 15 30.55 -2.13 8.41
C LEU F 15 32.06 -2.18 8.41
N GLU F 16 32.65 -2.18 9.61
CA GLU F 16 34.10 -2.34 9.73
C GLU F 16 34.40 -3.45 10.73
N VAL F 17 35.10 -4.48 10.27
CA VAL F 17 35.30 -5.71 11.01
C VAL F 17 36.73 -6.17 10.83
N GLU F 18 37.12 -7.13 11.66
CA GLU F 18 38.39 -7.80 11.52
C GLU F 18 38.17 -9.20 10.98
N PRO F 19 39.16 -9.80 10.30
CA PRO F 19 38.95 -11.14 9.73
C PRO F 19 38.73 -12.21 10.78
N SER F 20 39.18 -11.98 12.02
CA SER F 20 38.87 -12.89 13.11
C SER F 20 37.44 -12.74 13.64
N ASP F 21 36.70 -11.73 13.20
CA ASP F 21 35.33 -11.58 13.65
C ASP F 21 34.45 -12.63 12.96
N THR F 22 33.44 -13.10 13.68
CA THR F 22 32.58 -14.15 13.18
C THR F 22 31.42 -13.59 12.37
N ILE F 23 30.77 -14.49 11.64
CA ILE F 23 29.58 -14.11 10.88
C ILE F 23 28.54 -13.54 11.84
N GLU F 24 28.40 -14.15 13.02
CA GLU F 24 27.44 -13.68 14.00
C GLU F 24 27.71 -12.23 14.43
N ASN F 25 28.97 -11.80 14.39
CA ASN F 25 29.30 -10.39 14.66
C ASN F 25 28.75 -9.49 13.57
N VAL F 26 28.67 -9.96 12.33
CA VAL F 26 28.15 -9.10 11.28
C VAL F 26 26.64 -8.93 11.47
N LYS F 27 25.93 -10.01 11.78
CA LYS F 27 24.49 -9.91 12.03
C LYS F 27 24.19 -9.02 13.23
N ALA F 28 25.04 -9.05 14.26
CA ALA F 28 24.89 -8.16 15.39
C ALA F 28 24.94 -6.68 14.97
N LYS F 29 25.81 -6.34 14.04
CA LYS F 29 25.84 -4.95 13.59
C LYS F 29 24.58 -4.61 12.82
N ILE F 30 24.15 -5.50 11.94
CA ILE F 30 22.95 -5.24 11.14
C ILE F 30 21.74 -5.14 12.04
N GLN F 31 21.66 -5.97 13.08
CA GLN F 31 20.55 -5.85 14.01
C GLN F 31 20.61 -4.49 14.73
N ASP F 32 21.81 -4.08 15.18
CA ASP F 32 21.95 -2.81 15.89
C ASP F 32 21.64 -1.60 15.01
N LYS F 33 22.03 -1.63 13.74
CA LYS F 33 21.90 -0.44 12.92
C LYS F 33 20.56 -0.37 12.21
N GLU F 34 19.95 -1.51 11.89
CA GLU F 34 18.77 -1.52 11.06
C GLU F 34 17.54 -2.13 11.70
N GLY F 35 17.64 -2.66 12.92
CA GLY F 35 16.54 -3.33 13.56
C GLY F 35 16.17 -4.70 13.01
N ILE F 36 16.97 -5.27 12.12
CA ILE F 36 16.63 -6.56 11.51
C ILE F 36 16.99 -7.69 12.46
N PRO F 37 16.03 -8.48 12.94
CA PRO F 37 16.35 -9.58 13.86
C PRO F 37 17.38 -10.53 13.27
N GLN F 38 18.31 -10.98 14.12
CA GLN F 38 19.38 -11.88 13.69
C GLN F 38 18.86 -13.16 13.04
N ASP F 39 17.76 -13.71 13.56
CA ASP F 39 17.25 -14.96 13.01
C ASP F 39 16.66 -14.76 11.63
N GLN F 40 16.48 -13.52 11.21
CA GLN F 40 15.92 -13.20 9.90
C GLN F 40 17.00 -13.00 8.84
N GLN F 41 18.28 -12.98 9.22
CA GLN F 41 19.35 -12.60 8.32
C GLN F 41 20.06 -13.81 7.72
N ARG F 42 20.25 -13.78 6.42
CA ARG F 42 21.09 -14.75 5.72
C ARG F 42 22.15 -13.95 4.96
N LEU F 43 23.42 -14.21 5.24
CA LEU F 43 24.54 -13.50 4.63
C LEU F 43 25.25 -14.40 3.63
N ILE F 44 25.46 -13.87 2.42
CA ILE F 44 26.01 -14.62 1.31
C ILE F 44 27.27 -13.91 0.84
N TRP F 45 28.33 -14.68 0.60
CA TRP F 45 29.56 -14.18 0.01
C TRP F 45 29.85 -15.01 -1.23
N ALA F 46 29.87 -14.35 -2.39
CA ALA F 46 30.19 -15.01 -3.66
C ALA F 46 29.38 -16.29 -3.89
N GLY F 47 28.11 -16.27 -3.53
CA GLY F 47 27.22 -17.39 -3.78
C GLY F 47 27.15 -18.44 -2.69
N LYS F 48 27.98 -18.37 -1.64
CA LYS F 48 27.91 -19.32 -0.54
C LYS F 48 27.31 -18.66 0.70
N GLN F 49 26.41 -19.38 1.37
CA GLN F 49 25.81 -18.89 2.61
C GLN F 49 26.81 -19.09 3.75
N LEU F 50 27.09 -18.02 4.48
CA LEU F 50 28.04 -18.07 5.58
C LEU F 50 27.38 -18.55 6.86
N GLU F 51 28.07 -19.41 7.60
CA GLU F 51 27.54 -20.02 8.83
C GLU F 51 28.00 -19.23 10.05
N ASP F 52 27.11 -19.08 11.03
CA ASP F 52 27.31 -18.11 12.11
C ASP F 52 28.58 -18.33 12.92
N GLY F 53 29.05 -19.58 13.04
CA GLY F 53 30.16 -19.83 13.94
C GLY F 53 31.54 -19.82 13.32
N ARG F 54 31.67 -19.19 12.18
CA ARG F 54 32.95 -19.14 11.49
C ARG F 54 33.42 -17.71 11.36
N THR F 55 34.73 -17.54 11.41
CA THR F 55 35.28 -16.22 11.18
C THR F 55 35.40 -15.94 9.69
N LEU F 56 35.54 -14.65 9.37
CA LEU F 56 35.84 -14.26 8.01
C LEU F 56 37.15 -14.88 7.54
N SER F 57 38.14 -14.97 8.44
CA SER F 57 39.39 -15.66 8.11
C SER F 57 39.15 -17.09 7.69
N ASP F 58 38.20 -17.77 8.34
CA ASP F 58 37.96 -19.18 8.05
C ASP F 58 37.36 -19.38 6.67
N TYR F 59 36.75 -18.37 6.08
CA TYR F 59 36.30 -18.43 4.70
C TYR F 59 37.37 -17.94 3.73
N ASN F 60 38.53 -17.56 4.25
CA ASN F 60 39.66 -17.13 3.42
C ASN F 60 39.32 -15.89 2.62
N ILE F 61 38.60 -14.97 3.27
CA ILE F 61 38.36 -13.66 2.71
C ILE F 61 39.66 -12.87 2.76
N ASP F 62 39.98 -12.22 1.65
CA ASP F 62 41.19 -11.42 1.58
C ASP F 62 41.10 -10.22 2.50
N PRO F 63 41.88 -10.16 3.58
CA PRO F 63 41.72 -9.04 4.53
C PRO F 63 42.22 -7.72 3.99
N GLN F 64 42.82 -7.69 2.81
CA GLN F 64 43.32 -6.46 2.23
C GLN F 64 42.40 -5.87 1.17
N LEU F 65 41.32 -6.56 0.81
CA LEU F 65 40.37 -6.10 -0.19
C LEU F 65 39.02 -5.75 0.45
N LYS F 66 38.25 -4.91 -0.24
CA LYS F 66 36.88 -4.61 0.19
C LYS F 66 36.03 -5.87 0.07
N LEU F 67 35.30 -6.20 1.13
CA LEU F 67 34.43 -7.37 1.15
C LEU F 67 33.00 -6.99 0.80
N HIS F 68 32.41 -7.66 -0.18
CA HIS F 68 31.04 -7.39 -0.57
C HIS F 68 30.16 -8.59 -0.22
N LEU F 69 29.22 -8.38 0.70
CA LEU F 69 28.33 -9.43 1.15
C LEU F 69 26.90 -9.14 0.68
N VAL F 70 26.10 -10.19 0.58
CA VAL F 70 24.67 -10.08 0.29
C VAL F 70 23.87 -10.52 1.51
N LEU F 71 22.97 -9.65 1.94
CA LEU F 71 21.99 -9.92 2.98
C LEU F 71 20.66 -10.26 2.33
N ARG F 72 20.07 -11.37 2.72
CA ARG F 72 18.71 -11.68 2.32
C ARG F 72 17.91 -12.00 3.57
N LEU F 73 16.73 -11.41 3.68
CA LEU F 73 15.88 -11.62 4.84
C LEU F 73 15.02 -12.85 4.55
N ARG F 74 15.26 -13.93 5.27
CA ARG F 74 14.55 -15.17 5.00
C ARG F 74 14.52 -16.00 6.27
N ALA F 75 13.56 -16.93 6.31
CA ALA F 75 13.53 -17.95 7.35
C ALA F 75 14.71 -18.90 7.15
N ALA F 76 14.81 -19.90 8.03
CA ALA F 76 15.87 -20.89 7.88
C ALA F 76 15.57 -21.75 6.67
N GLY F 77 16.54 -21.85 5.77
CA GLY F 77 16.36 -22.70 4.61
C GLY F 77 17.34 -22.38 3.50
N GLY F 78 16.94 -22.76 2.28
CA GLY F 78 17.78 -22.66 1.11
C GLY F 78 17.25 -21.71 0.03
N MET F 79 17.83 -21.86 -1.16
CA MET F 79 17.46 -21.14 -2.37
C MET F 79 16.05 -21.50 -2.84
N GLN F 80 15.30 -20.49 -3.27
CA GLN F 80 14.04 -20.72 -3.99
C GLN F 80 14.32 -20.80 -5.49
N ILE F 81 14.15 -21.97 -6.10
CA ILE F 81 14.39 -22.15 -7.53
C ILE F 81 13.09 -22.59 -8.20
N PHE F 82 13.11 -22.58 -9.54
CA PHE F 82 11.92 -22.87 -10.33
C PHE F 82 12.19 -23.98 -11.34
N VAL F 83 11.18 -24.82 -11.55
CA VAL F 83 11.26 -25.94 -12.49
C VAL F 83 10.03 -25.90 -13.38
N THR F 84 10.23 -25.84 -14.68
CA THR F 84 9.13 -25.87 -15.63
C THR F 84 9.04 -27.25 -16.27
N THR F 85 7.83 -27.81 -16.28
CA THR F 85 7.63 -29.15 -16.82
C THR F 85 7.28 -29.03 -18.30
N GLN F 86 7.20 -30.18 -18.98
CA GLN F 86 6.72 -30.19 -20.36
C GLN F 86 5.36 -29.52 -20.49
N THR F 87 4.44 -29.78 -19.57
CA THR F 87 3.11 -29.19 -19.70
C THR F 87 3.15 -27.67 -19.56
N GLY F 88 4.21 -27.12 -18.98
CA GLY F 88 4.33 -25.68 -18.81
C GLY F 88 4.07 -25.20 -17.41
N LYS F 89 3.86 -26.10 -16.46
CA LYS F 89 3.71 -25.72 -15.07
C LYS F 89 5.05 -25.36 -14.45
N THR F 90 5.12 -24.18 -13.85
CA THR F 90 6.29 -23.78 -13.09
C THR F 90 6.05 -24.15 -11.63
N ILE F 91 7.00 -24.85 -11.03
CA ILE F 91 6.94 -25.17 -9.61
C ILE F 91 8.12 -24.51 -8.91
N THR F 92 7.99 -24.36 -7.60
CA THR F 92 9.02 -23.73 -6.82
C THR F 92 9.60 -24.78 -5.87
N LEU F 93 10.92 -24.83 -5.77
CA LEU F 93 11.59 -25.78 -4.91
C LEU F 93 12.59 -25.03 -4.05
N GLU F 94 12.88 -25.61 -2.89
CA GLU F 94 13.87 -25.06 -1.98
C GLU F 94 15.02 -26.05 -1.92
N VAL F 95 16.20 -25.58 -2.32
CA VAL F 95 17.40 -26.41 -2.41
C VAL F 95 18.55 -25.65 -1.78
N GLU F 96 19.64 -26.36 -1.63
CA GLU F 96 20.95 -25.80 -1.30
C GLU F 96 21.87 -26.14 -2.45
N PRO F 97 22.91 -25.34 -2.71
CA PRO F 97 23.83 -25.70 -3.80
C PRO F 97 24.50 -27.05 -3.59
N SER F 98 24.60 -27.52 -2.35
CA SER F 98 25.16 -28.83 -2.07
C SER F 98 24.18 -29.97 -2.32
N ASP F 99 22.93 -29.68 -2.67
CA ASP F 99 22.00 -30.75 -3.03
C ASP F 99 22.47 -31.44 -4.31
N THR F 100 22.29 -32.76 -4.34
CA THR F 100 22.53 -33.53 -5.55
C THR F 100 21.31 -33.48 -6.47
N ILE F 101 21.58 -33.71 -7.76
CA ILE F 101 20.52 -33.70 -8.76
C ILE F 101 19.42 -34.69 -8.40
N GLU F 102 19.80 -35.85 -7.85
CA GLU F 102 18.77 -36.81 -7.48
C GLU F 102 17.94 -36.31 -6.31
N ASN F 103 18.58 -35.68 -5.32
CA ASN F 103 17.83 -34.94 -4.30
C ASN F 103 16.81 -34.01 -4.95
N VAL F 104 17.25 -33.26 -5.95
CA VAL F 104 16.38 -32.32 -6.64
C VAL F 104 15.21 -33.06 -7.29
N LYS F 105 15.50 -34.15 -8.00
CA LYS F 105 14.43 -34.94 -8.60
C LYS F 105 13.49 -35.48 -7.53
N ALA F 106 14.04 -35.93 -6.39
CA ALA F 106 13.20 -36.39 -5.30
C ALA F 106 12.24 -35.29 -4.83
N LYS F 107 12.74 -34.05 -4.73
CA LYS F 107 11.86 -32.95 -4.34
C LYS F 107 10.78 -32.72 -5.39
N ILE F 108 11.13 -32.84 -6.66
CA ILE F 108 10.15 -32.65 -7.73
C ILE F 108 9.07 -33.73 -7.65
N GLN F 109 9.46 -34.97 -7.37
CA GLN F 109 8.48 -36.04 -7.17
C GLN F 109 7.57 -35.74 -5.98
N ASP F 110 8.13 -35.19 -4.90
CA ASP F 110 7.33 -34.86 -3.73
C ASP F 110 6.24 -33.84 -4.04
N LYS F 111 6.56 -32.81 -4.83
CA LYS F 111 5.57 -31.76 -5.06
C LYS F 111 4.63 -32.04 -6.22
N GLU F 112 5.10 -32.72 -7.27
CA GLU F 112 4.33 -32.92 -8.48
C GLU F 112 4.09 -34.39 -8.82
N GLY F 113 4.69 -35.31 -8.09
CA GLY F 113 4.43 -36.72 -8.31
C GLY F 113 5.08 -37.34 -9.52
N ILE F 114 6.08 -36.69 -10.11
CA ILE F 114 6.76 -37.19 -11.29
C ILE F 114 7.91 -38.09 -10.83
N PRO F 115 7.88 -39.39 -11.12
CA PRO F 115 8.97 -40.30 -10.68
C PRO F 115 10.32 -39.85 -11.22
N PRO F 116 11.39 -40.01 -10.43
CA PRO F 116 12.72 -39.55 -10.88
C PRO F 116 13.25 -40.25 -12.11
N ASP F 117 12.89 -41.50 -12.35
CA ASP F 117 13.39 -42.22 -13.51
C ASP F 117 12.87 -41.63 -14.81
N GLN F 118 11.80 -40.84 -14.77
CA GLN F 118 11.27 -40.14 -15.94
C GLN F 118 11.87 -38.75 -16.14
N GLN F 119 12.68 -38.27 -15.21
CA GLN F 119 13.04 -36.86 -15.19
C GLN F 119 14.37 -36.62 -15.87
N ARG F 120 14.37 -35.69 -16.83
CA ARG F 120 15.59 -35.16 -17.43
C ARG F 120 15.63 -33.65 -17.17
N LEU F 121 16.61 -33.20 -16.37
CA LEU F 121 16.73 -31.82 -15.92
C LEU F 121 17.76 -31.07 -16.75
N ILE F 122 17.33 -29.98 -17.38
CA ILE F 122 18.19 -29.17 -18.23
C ILE F 122 18.34 -27.78 -17.61
N TRP F 123 19.57 -27.29 -17.55
CA TRP F 123 19.85 -25.94 -17.08
C TRP F 123 20.68 -25.21 -18.12
N ALA F 124 20.08 -24.23 -18.79
CA ALA F 124 20.81 -23.39 -19.74
C ALA F 124 21.58 -24.22 -20.76
N GLY F 125 20.94 -25.25 -21.30
CA GLY F 125 21.54 -26.02 -22.36
C GLY F 125 22.38 -27.18 -21.89
N LYS F 126 22.46 -27.42 -20.59
CA LYS F 126 23.29 -28.46 -20.01
C LYS F 126 22.39 -29.41 -19.23
N GLN F 127 22.36 -30.68 -19.62
CA GLN F 127 21.61 -31.66 -18.84
C GLN F 127 22.31 -31.87 -17.50
N LEU F 128 21.54 -31.88 -16.42
CA LEU F 128 22.08 -32.11 -15.08
C LEU F 128 22.05 -33.60 -14.72
N GLU F 129 23.19 -34.13 -14.30
CA GLU F 129 23.40 -35.57 -14.14
C GLU F 129 23.22 -36.04 -12.71
N ASP F 130 22.65 -37.24 -12.56
CA ASP F 130 22.37 -37.85 -11.26
C ASP F 130 23.61 -38.05 -10.40
N GLY F 131 24.81 -37.85 -10.93
CA GLY F 131 25.99 -38.04 -10.12
C GLY F 131 26.57 -36.78 -9.52
N ARG F 132 25.97 -35.62 -9.80
CA ARG F 132 26.53 -34.33 -9.45
C ARG F 132 25.65 -33.59 -8.44
N THR F 133 26.21 -32.51 -7.91
CA THR F 133 25.48 -31.54 -7.11
C THR F 133 25.25 -30.29 -7.94
N LEU F 134 24.30 -29.45 -7.49
CA LEU F 134 24.13 -28.11 -8.07
C LEU F 134 25.43 -27.30 -7.99
N SER F 135 26.15 -27.40 -6.87
CA SER F 135 27.46 -26.76 -6.73
C SER F 135 28.39 -27.12 -7.88
N ASP F 136 28.36 -28.39 -8.31
CA ASP F 136 29.26 -28.86 -9.37
C ASP F 136 29.04 -28.12 -10.69
N TYR F 137 27.82 -27.66 -10.95
CA TYR F 137 27.51 -26.88 -12.14
C TYR F 137 27.65 -25.38 -11.91
N ASN F 138 28.23 -25.01 -10.77
CA ASN F 138 28.42 -23.60 -10.38
C ASN F 138 27.09 -22.87 -10.20
N ILE F 139 26.10 -23.56 -9.64
CA ILE F 139 24.82 -22.98 -9.24
C ILE F 139 24.87 -22.61 -7.76
N ASP F 140 24.66 -21.35 -7.43
CA ASP F 140 24.75 -20.91 -6.05
C ASP F 140 23.79 -19.75 -5.84
N TYR F 141 23.90 -19.09 -4.68
CA TYR F 141 22.94 -18.05 -4.31
C TYR F 141 23.01 -16.82 -5.21
N ARG F 142 24.01 -16.71 -6.09
CA ARG F 142 24.07 -15.57 -6.99
C ARG F 142 23.00 -15.62 -8.08
N PHE F 143 22.42 -16.79 -8.35
CA PHE F 143 21.36 -16.92 -9.33
C PHE F 143 20.03 -16.60 -8.64
N LEU F 144 19.47 -15.44 -8.93
CA LEU F 144 18.28 -14.96 -8.21
C LEU F 144 17.00 -15.60 -8.72
N HIS F 145 16.98 -16.04 -9.98
CA HIS F 145 15.83 -16.69 -10.61
C HIS F 145 16.36 -17.82 -11.49
N LEU F 146 16.60 -18.97 -10.85
CA LEU F 146 17.10 -20.15 -11.52
C LEU F 146 15.93 -20.99 -12.01
N VAL F 147 15.93 -21.33 -13.30
CA VAL F 147 14.85 -22.11 -13.90
C VAL F 147 15.46 -23.37 -14.48
N LEU F 148 14.93 -24.52 -14.08
CA LEU F 148 15.34 -25.81 -14.61
C LEU F 148 14.27 -26.32 -15.55
N ARG F 149 14.70 -26.93 -16.66
CA ARG F 149 13.78 -27.46 -17.67
C ARG F 149 13.68 -28.96 -17.46
N LEU F 150 12.44 -29.45 -17.36
CA LEU F 150 12.22 -30.87 -17.10
C LEU F 150 11.91 -31.65 -18.37
#